data_3FIW
#
_entry.id   3FIW
#
_cell.length_a   64.487
_cell.length_b   114.352
_cell.length_c   67.446
_cell.angle_alpha   90.00
_cell.angle_beta   90.14
_cell.angle_gamma   90.00
#
_symmetry.space_group_name_H-M   'P 1 21 1'
#
loop_
_entity.id
_entity.type
_entity.pdbx_description
1 polymer 'Putative tetR-family transcriptional regulator'
2 non-polymer DI(HYDROXYETHYL)ETHER
3 water water
#
_entity_poly.entity_id   1
_entity_poly.type   'polypeptide(L)'
_entity_poly.pdbx_seq_one_letter_code
;(MSE)GSSHHHHHHSSGRENLYFQG(MSE)TK(MSE)NRETVITEALDLLDEVGLDGVSTRRLAKRLGVEQPSLYWYFRT
KRDLLTA(MSE)AQAA(MSE)APHAAEPLPEPGEDWHGWFLRNTRSFRRTLLARRDGARLHAGSRPTADLDRVRRK
(MSE)DFLVASGVPERHAQ(MSE)A(MSE)LAAGRFTVGCVLEEQAETGAGDTADLPADVPEIDHESAFEAGLALITDGL
VRHVDAR
;
_entity_poly.pdbx_strand_id   A,B,C,D
#
loop_
_chem_comp.id
_chem_comp.type
_chem_comp.name
_chem_comp.formula
PEG non-polymer DI(HYDROXYETHYL)ETHER 'C4 H10 O3'
#
# COMPACT_ATOMS: atom_id res chain seq x y z
N LYS A 24 8.60 14.44 -4.79
CA LYS A 24 9.91 13.74 -5.01
C LYS A 24 9.83 12.52 -5.95
N MSE A 25 10.59 12.62 -7.05
CA MSE A 25 10.58 11.58 -8.09
C MSE A 25 11.41 10.34 -7.78
O MSE A 25 12.59 10.41 -7.43
CB MSE A 25 10.86 12.16 -9.48
CG MSE A 25 9.69 12.96 -10.01
SE MSE A 25 8.16 11.86 -10.52
CE MSE A 25 7.42 11.23 -8.80
N ASN A 26 10.78 9.18 -7.96
CA ASN A 26 11.14 7.98 -7.27
C ASN A 26 10.44 6.88 -8.07
N ARG A 27 11.10 5.75 -8.31
CA ARG A 27 10.47 4.69 -9.10
C ARG A 27 9.20 4.12 -8.43
N GLU A 28 9.31 3.67 -7.18
CA GLU A 28 8.17 3.08 -6.43
C GLU A 28 6.92 3.98 -6.40
N THR A 29 7.16 5.27 -6.16
CA THR A 29 6.23 6.39 -6.32
C THR A 29 5.56 6.45 -7.67
N VAL A 30 6.33 6.37 -8.74
CA VAL A 30 5.73 6.42 -10.07
C VAL A 30 4.79 5.22 -10.27
N ILE A 31 5.26 4.04 -9.85
CA ILE A 31 4.57 2.80 -10.05
C ILE A 31 3.29 2.79 -9.23
N THR A 32 3.35 3.34 -8.02
CA THR A 32 2.21 3.39 -7.11
C THR A 32 1.17 4.32 -7.67
N GLU A 33 1.67 5.42 -8.24
CA GLU A 33 0.82 6.38 -8.91
C GLU A 33 0.19 5.82 -10.22
N ALA A 34 0.89 4.87 -10.84
CA ALA A 34 0.41 4.26 -12.08
C ALA A 34 -0.74 3.31 -11.78
N LEU A 35 -0.58 2.54 -10.70
CA LEU A 35 -1.60 1.62 -10.22
C LEU A 35 -2.85 2.35 -9.73
N ASP A 36 -2.65 3.53 -9.11
CA ASP A 36 -3.78 4.38 -8.75
C ASP A 36 -4.48 4.93 -9.97
N LEU A 37 -3.70 5.34 -10.98
CA LEU A 37 -4.22 5.76 -12.29
C LEU A 37 -5.04 4.65 -12.95
N LEU A 38 -4.53 3.42 -12.89
CA LEU A 38 -5.21 2.25 -13.39
C LEU A 38 -6.56 2.12 -12.72
N ASP A 39 -6.59 2.27 -11.39
CA ASP A 39 -7.84 2.24 -10.64
C ASP A 39 -8.80 3.26 -11.19
N GLU A 40 -8.26 4.42 -11.55
CA GLU A 40 -9.06 5.55 -11.97
C GLU A 40 -9.59 5.43 -13.39
N VAL A 41 -8.75 5.05 -14.33
CA VAL A 41 -9.12 5.22 -15.75
C VAL A 41 -9.27 3.89 -16.51
N GLY A 42 -8.89 2.78 -15.88
CA GLY A 42 -8.95 1.48 -16.54
C GLY A 42 -7.63 1.25 -17.24
N LEU A 43 -7.30 -0.01 -17.51
CA LEU A 43 -6.06 -0.35 -18.23
C LEU A 43 -5.98 0.35 -19.61
N ASP A 44 -7.12 0.43 -20.29
CA ASP A 44 -7.19 1.04 -21.62
C ASP A 44 -6.86 2.51 -21.57
N GLY A 45 -7.11 3.16 -20.42
CA GLY A 45 -6.63 4.55 -20.19
C GLY A 45 -5.21 4.83 -19.62
N VAL A 46 -4.41 3.80 -19.41
CA VAL A 46 -3.08 4.00 -18.82
C VAL A 46 -2.12 4.42 -19.95
N SER A 47 -1.47 5.57 -19.79
CA SER A 47 -0.44 6.06 -20.70
C SER A 47 0.56 6.83 -19.88
N THR A 48 1.75 6.93 -20.44
CA THR A 48 2.80 7.75 -19.88
C THR A 48 2.36 9.20 -19.75
N ARG A 49 1.73 9.72 -20.79
CA ARG A 49 1.34 11.11 -20.71
C ARG A 49 0.32 11.36 -19.58
N ARG A 50 -0.58 10.43 -19.37
CA ARG A 50 -1.60 10.60 -18.36
C ARG A 50 -1.00 10.45 -16.94
N LEU A 51 -0.09 9.50 -16.78
CA LEU A 51 0.64 9.33 -15.54
C LEU A 51 1.47 10.58 -15.22
N ALA A 52 2.19 11.10 -16.23
CA ALA A 52 2.99 12.31 -16.05
C ALA A 52 2.13 13.41 -15.44
N LYS A 53 0.96 13.60 -16.01
CA LYS A 53 0.04 14.65 -15.63
C LYS A 53 -0.49 14.45 -14.21
N ARG A 54 -0.90 13.23 -13.87
CA ARG A 54 -1.23 12.85 -12.47
C ARG A 54 -0.12 13.25 -11.49
N LEU A 55 1.13 13.10 -11.92
CA LEU A 55 2.30 13.36 -11.09
C LEU A 55 2.65 14.85 -11.09
N GLY A 56 2.11 15.59 -12.06
CA GLY A 56 2.43 16.99 -12.29
C GLY A 56 3.84 17.20 -12.86
N VAL A 57 4.30 16.28 -13.71
CA VAL A 57 5.64 16.41 -14.27
C VAL A 57 5.61 16.43 -15.79
N GLU A 58 6.72 16.84 -16.39
CA GLU A 58 6.96 16.72 -17.84
C GLU A 58 7.00 15.25 -18.24
N GLN A 59 6.24 14.91 -19.29
CA GLN A 59 6.19 13.51 -19.75
C GLN A 59 7.54 12.84 -20.06
N PRO A 60 8.47 13.55 -20.77
CA PRO A 60 9.81 12.96 -20.98
C PRO A 60 10.60 12.62 -19.72
N SER A 61 10.33 13.30 -18.61
CA SER A 61 10.96 12.93 -17.34
C SER A 61 10.63 11.49 -16.87
N LEU A 62 9.55 10.90 -17.37
CA LEU A 62 9.17 9.54 -17.06
C LEU A 62 9.87 8.48 -17.91
N TYR A 63 10.25 8.85 -19.13
CA TYR A 63 11.15 8.04 -19.97
C TYR A 63 12.33 7.41 -19.19
N TRP A 64 12.88 8.14 -18.22
CA TRP A 64 14.02 7.72 -17.45
C TRP A 64 13.73 6.59 -16.47
N TYR A 65 12.44 6.47 -16.14
CA TYR A 65 11.89 5.32 -15.40
C TYR A 65 11.45 4.15 -16.31
N PHE A 66 10.76 4.47 -17.39
CA PHE A 66 10.14 3.47 -18.23
C PHE A 66 10.28 3.91 -19.64
N ARG A 67 11.16 3.21 -20.33
CA ARG A 67 11.58 3.59 -21.67
C ARG A 67 10.38 3.47 -22.59
N THR A 68 9.48 2.51 -22.26
CA THR A 68 8.34 2.16 -23.09
C THR A 68 7.15 1.92 -22.22
N LYS A 69 5.96 2.01 -22.80
CA LYS A 69 4.70 1.63 -22.16
C LYS A 69 4.72 0.16 -21.74
N ARG A 70 5.25 -0.70 -22.61
CA ARG A 70 5.51 -2.09 -22.22
C ARG A 70 6.22 -2.19 -20.87
N ASP A 71 7.29 -1.44 -20.65
CA ASP A 71 8.08 -1.54 -19.39
C ASP A 71 7.34 -1.00 -18.14
N LEU A 72 6.52 0.04 -18.36
CA LEU A 72 5.63 0.58 -17.37
C LEU A 72 4.63 -0.48 -16.90
N LEU A 73 3.87 -1.07 -17.83
CA LEU A 73 2.98 -2.22 -17.52
C LEU A 73 3.61 -3.40 -16.74
N THR A 74 4.77 -3.87 -17.18
CA THR A 74 5.52 -4.97 -16.55
C THR A 74 5.75 -4.62 -15.12
N ALA A 75 6.27 -3.41 -14.86
CA ALA A 75 6.45 -2.86 -13.54
C ALA A 75 5.18 -2.76 -12.72
N MSE A 76 4.08 -2.29 -13.33
CA MSE A 76 2.81 -2.23 -12.64
C MSE A 76 2.34 -3.63 -12.25
O MSE A 76 1.87 -3.84 -11.13
CB MSE A 76 1.77 -1.53 -13.51
CG MSE A 76 1.97 -0.01 -13.66
SE MSE A 76 0.97 0.68 -15.13
CE MSE A 76 -0.85 0.20 -14.52
N ALA A 77 2.50 -4.61 -13.15
CA ALA A 77 2.02 -5.98 -12.94
C ALA A 77 2.77 -6.66 -11.77
N GLN A 78 4.08 -6.40 -11.69
CA GLN A 78 4.90 -6.95 -10.67
C GLN A 78 4.54 -6.34 -9.31
N ALA A 79 4.45 -5.00 -9.24
CA ALA A 79 4.06 -4.29 -7.98
C ALA A 79 2.67 -4.74 -7.52
N ALA A 80 1.77 -5.02 -8.47
CA ALA A 80 0.37 -5.46 -8.16
C ALA A 80 0.29 -6.77 -7.33
N MSE A 81 1.38 -7.53 -7.33
CA MSE A 81 1.43 -8.83 -6.68
C MSE A 81 1.89 -8.76 -5.25
O MSE A 81 1.90 -9.79 -4.54
CB MSE A 81 2.37 -9.80 -7.42
CG MSE A 81 1.87 -10.23 -8.77
SE MSE A 81 0.34 -11.41 -8.53
CE MSE A 81 -1.09 -10.25 -8.84
N ALA A 82 2.32 -7.57 -4.82
CA ALA A 82 2.95 -7.42 -3.49
C ALA A 82 2.04 -7.95 -2.39
N PRO A 83 0.72 -7.57 -2.40
CA PRO A 83 -0.22 -8.07 -1.37
C PRO A 83 -0.31 -9.62 -1.30
N HIS A 84 -0.26 -10.31 -2.43
CA HIS A 84 -0.14 -11.75 -2.38
C HIS A 84 1.17 -12.22 -1.70
N ALA A 85 2.29 -11.55 -2.02
CA ALA A 85 3.60 -11.87 -1.44
C ALA A 85 3.70 -11.50 0.01
N ALA A 86 2.82 -10.62 0.46
CA ALA A 86 2.82 -10.23 1.87
C ALA A 86 2.17 -11.29 2.79
N GLU A 87 1.56 -12.32 2.22
CA GLU A 87 0.86 -13.32 3.06
C GLU A 87 1.83 -14.25 3.77
N PRO A 88 1.48 -14.71 5.00
CA PRO A 88 2.41 -15.67 5.66
C PRO A 88 2.53 -16.95 4.84
N LEU A 89 3.73 -17.51 4.83
CA LEU A 89 3.98 -18.81 4.25
C LEU A 89 3.42 -19.92 5.14
N PRO A 90 3.04 -21.05 4.53
CA PRO A 90 2.43 -22.09 5.32
C PRO A 90 3.46 -22.76 6.28
N GLU A 91 3.02 -23.16 7.48
CA GLU A 91 3.89 -23.86 8.41
C GLU A 91 3.46 -25.29 8.56
N PRO A 92 4.42 -26.22 8.53
CA PRO A 92 4.26 -27.60 8.99
C PRO A 92 3.29 -27.75 10.16
N GLY A 93 2.38 -28.70 9.99
CA GLY A 93 1.38 -28.91 10.99
C GLY A 93 0.08 -28.23 10.61
N GLU A 94 0.12 -27.18 9.78
CA GLU A 94 -1.16 -26.59 9.46
C GLU A 94 -1.85 -27.39 8.39
N ASP A 95 -3.18 -27.27 8.39
CA ASP A 95 -4.05 -28.00 7.50
C ASP A 95 -3.73 -27.53 6.07
N TRP A 96 -3.17 -28.45 5.27
CA TRP A 96 -2.70 -28.13 3.95
C TRP A 96 -3.91 -27.77 3.09
N HIS A 97 -5.07 -28.31 3.45
CA HIS A 97 -6.30 -28.22 2.69
C HIS A 97 -6.88 -26.81 2.76
N GLY A 98 -7.08 -26.30 3.98
CA GLY A 98 -7.48 -24.94 4.25
C GLY A 98 -6.50 -23.89 3.75
N TRP A 99 -5.20 -24.15 3.89
CA TRP A 99 -4.18 -23.28 3.34
C TRP A 99 -4.30 -23.22 1.83
N PHE A 100 -4.44 -24.36 1.18
CA PHE A 100 -4.60 -24.34 -0.30
C PHE A 100 -5.73 -23.39 -0.76
N LEU A 101 -6.89 -23.56 -0.17
CA LEU A 101 -8.00 -22.65 -0.46
C LEU A 101 -7.61 -21.22 -0.18
N ARG A 102 -7.05 -21.00 1.01
CA ARG A 102 -6.61 -19.67 1.44
C ARG A 102 -5.61 -19.01 0.45
N ASN A 103 -4.62 -19.77 -0.02
CA ASN A 103 -3.67 -19.29 -1.06
C ASN A 103 -4.30 -18.80 -2.39
N THR A 104 -5.27 -19.57 -2.89
CA THR A 104 -5.96 -19.23 -4.12
C THR A 104 -6.89 -18.03 -3.89
N ARG A 105 -7.59 -18.03 -2.74
CA ARG A 105 -8.37 -16.85 -2.30
C ARG A 105 -7.49 -15.60 -2.22
N SER A 106 -6.28 -15.75 -1.74
CA SER A 106 -5.36 -14.61 -1.73
C SER A 106 -5.05 -14.08 -3.13
N PHE A 107 -4.74 -15.01 -4.04
CA PHE A 107 -4.39 -14.67 -5.41
C PHE A 107 -5.53 -13.90 -6.09
N ARG A 108 -6.75 -14.45 -5.98
CA ARG A 108 -7.96 -13.79 -6.42
C ARG A 108 -8.08 -12.37 -5.86
N ARG A 109 -8.03 -12.25 -4.55
CA ARG A 109 -8.15 -10.98 -3.85
C ARG A 109 -7.10 -9.99 -4.44
N THR A 110 -5.90 -10.48 -4.67
CA THR A 110 -4.84 -9.62 -5.20
C THR A 110 -5.20 -9.07 -6.57
N LEU A 111 -5.77 -9.92 -7.45
CA LEU A 111 -6.02 -9.54 -8.81
C LEU A 111 -7.16 -8.55 -8.82
N LEU A 112 -8.15 -8.77 -7.95
CA LEU A 112 -9.32 -7.87 -7.85
C LEU A 112 -9.03 -6.53 -7.21
N ALA A 113 -7.86 -6.42 -6.58
CA ALA A 113 -7.52 -5.21 -5.79
C ALA A 113 -7.22 -3.97 -6.61
N ARG A 114 -6.98 -4.15 -7.90
CA ARG A 114 -6.76 -3.03 -8.83
C ARG A 114 -7.71 -3.25 -9.98
N ARG A 115 -8.30 -2.17 -10.48
CA ARG A 115 -9.16 -2.28 -11.65
C ARG A 115 -8.40 -2.97 -12.80
N ASP A 116 -9.11 -3.78 -13.61
CA ASP A 116 -8.54 -4.52 -14.76
C ASP A 116 -7.31 -5.27 -14.29
N GLY A 117 -7.28 -5.55 -12.99
CA GLY A 117 -6.21 -6.31 -12.34
C GLY A 117 -5.77 -7.55 -13.08
N ALA A 118 -6.72 -8.38 -13.54
CA ALA A 118 -6.33 -9.65 -14.19
C ALA A 118 -5.80 -9.49 -15.63
N ARG A 119 -6.32 -8.52 -16.40
CA ARG A 119 -5.76 -8.15 -17.71
C ARG A 119 -4.36 -7.60 -17.59
N LEU A 120 -4.14 -6.82 -16.53
CA LEU A 120 -2.80 -6.34 -16.25
C LEU A 120 -1.85 -7.50 -16.00
N HIS A 121 -2.26 -8.45 -15.16
CA HIS A 121 -1.44 -9.62 -14.87
C HIS A 121 -1.14 -10.44 -16.12
N ALA A 122 -2.21 -10.88 -16.78
CA ALA A 122 -2.12 -11.71 -18.01
C ALA A 122 -1.27 -11.05 -19.10
N GLY A 123 -1.44 -9.75 -19.24
CA GLY A 123 -0.70 -8.99 -20.23
C GLY A 123 0.81 -8.86 -20.03
N SER A 124 1.25 -8.81 -18.78
CA SER A 124 2.66 -8.65 -18.46
C SER A 124 3.02 -9.60 -17.35
N ARG A 125 2.83 -10.88 -17.57
CA ARG A 125 3.13 -11.92 -16.56
C ARG A 125 4.33 -11.63 -15.65
N PRO A 126 4.05 -11.27 -14.37
CA PRO A 126 5.06 -11.00 -13.33
C PRO A 126 5.90 -12.22 -13.07
N THR A 127 7.11 -12.04 -12.55
CA THR A 127 7.95 -13.20 -12.26
C THR A 127 7.75 -13.64 -10.80
N ALA A 128 7.30 -14.88 -10.61
CA ALA A 128 7.06 -15.41 -9.28
C ALA A 128 8.33 -15.57 -8.44
N ASP A 129 8.19 -15.34 -7.13
CA ASP A 129 9.30 -15.53 -6.18
C ASP A 129 9.63 -17.04 -6.04
N LEU A 130 10.69 -17.49 -6.69
CA LEU A 130 11.03 -18.93 -6.73
C LEU A 130 11.23 -19.53 -5.34
N ASP A 131 11.75 -18.71 -4.42
CA ASP A 131 11.84 -19.08 -3.03
C ASP A 131 10.46 -19.41 -2.42
N ARG A 132 9.48 -18.51 -2.60
CA ARG A 132 8.11 -18.66 -2.10
C ARG A 132 7.38 -19.84 -2.76
N VAL A 133 7.54 -19.99 -4.07
CA VAL A 133 6.87 -21.08 -4.80
C VAL A 133 7.38 -22.43 -4.27
N ARG A 134 8.67 -22.49 -3.95
CA ARG A 134 9.31 -23.73 -3.50
C ARG A 134 8.90 -24.06 -2.07
N ARG A 135 8.73 -23.04 -1.24
CA ARG A 135 8.35 -23.25 0.16
C ARG A 135 6.89 -23.75 0.28
N LYS A 136 6.01 -23.14 -0.51
CA LYS A 136 4.61 -23.55 -0.65
C LYS A 136 4.53 -24.98 -1.15
N MSE A 137 5.30 -25.29 -2.20
CA MSE A 137 5.32 -26.65 -2.71
C MSE A 137 5.84 -27.66 -1.70
O MSE A 137 5.24 -28.72 -1.56
CB MSE A 137 6.13 -26.74 -3.98
CG MSE A 137 5.72 -27.90 -4.85
SE MSE A 137 3.93 -27.53 -5.59
CE MSE A 137 4.21 -25.92 -6.71
N ASP A 138 6.94 -27.33 -0.99
CA ASP A 138 7.50 -28.19 0.06
C ASP A 138 6.50 -28.49 1.16
N PHE A 139 5.77 -27.45 1.59
CA PHE A 139 4.69 -27.63 2.54
C PHE A 139 3.64 -28.65 2.10
N LEU A 140 3.23 -28.58 0.82
CA LEU A 140 2.21 -29.48 0.27
C LEU A 140 2.76 -30.90 0.21
N VAL A 141 3.99 -31.04 -0.23
CA VAL A 141 4.67 -32.35 -0.24
C VAL A 141 4.82 -32.90 1.18
N ALA A 142 5.32 -32.09 2.12
CA ALA A 142 5.43 -32.54 3.51
C ALA A 142 4.07 -32.82 4.17
N SER A 143 2.98 -32.35 3.58
CA SER A 143 1.64 -32.61 4.10
C SER A 143 1.07 -33.91 3.52
N GLY A 144 1.82 -34.53 2.62
CA GLY A 144 1.37 -35.77 2.03
C GLY A 144 0.73 -35.66 0.66
N VAL A 145 0.56 -34.44 0.13
CA VAL A 145 0.18 -34.26 -1.28
C VAL A 145 1.34 -34.70 -2.21
N PRO A 146 1.09 -35.68 -3.11
CA PRO A 146 2.14 -36.13 -4.03
C PRO A 146 2.57 -34.97 -4.92
N GLU A 147 3.88 -34.81 -5.15
CA GLU A 147 4.43 -33.61 -5.78
C GLU A 147 3.82 -33.19 -7.12
N ARG A 148 3.67 -34.16 -8.02
CA ARG A 148 3.19 -33.95 -9.35
C ARG A 148 1.78 -33.41 -9.25
N HIS A 149 0.95 -34.00 -8.41
CA HIS A 149 -0.41 -33.49 -8.20
C HIS A 149 -0.49 -32.10 -7.58
N ALA A 150 0.40 -31.79 -6.63
CA ALA A 150 0.52 -30.48 -5.97
C ALA A 150 0.81 -29.43 -7.01
N GLN A 151 1.85 -29.67 -7.82
CA GLN A 151 2.21 -28.77 -8.93
C GLN A 151 1.05 -28.48 -9.91
N MSE A 152 0.41 -29.56 -10.38
CA MSE A 152 -0.76 -29.44 -11.29
C MSE A 152 -1.91 -28.67 -10.70
O MSE A 152 -2.43 -27.75 -11.35
CB MSE A 152 -1.19 -30.81 -11.79
CG MSE A 152 -0.04 -31.55 -12.49
SE MSE A 152 0.53 -30.62 -14.12
CE MSE A 152 2.03 -29.57 -13.50
N ALA A 153 -2.28 -29.01 -9.44
CA ALA A 153 -3.29 -28.30 -8.66
C ALA A 153 -3.01 -26.83 -8.53
N MSE A 154 -1.77 -26.54 -8.15
CA MSE A 154 -1.33 -25.15 -8.06
C MSE A 154 -1.41 -24.40 -9.37
O MSE A 154 -1.83 -23.27 -9.38
CB MSE A 154 0.09 -25.08 -7.52
CG MSE A 154 0.18 -25.59 -6.11
SE MSE A 154 -0.38 -24.27 -4.81
CE MSE A 154 1.20 -23.13 -4.93
N LEU A 155 -0.97 -25.00 -10.49
CA LEU A 155 -1.16 -24.41 -11.80
C LEU A 155 -2.66 -24.24 -12.16
N ALA A 156 -3.46 -25.29 -11.95
CA ALA A 156 -4.88 -25.26 -12.24
C ALA A 156 -5.55 -24.12 -11.51
N ALA A 157 -5.25 -24.00 -10.23
CA ALA A 157 -5.90 -23.09 -9.33
C ALA A 157 -5.67 -21.68 -9.79
N GLY A 158 -4.43 -21.37 -10.14
CA GLY A 158 -4.03 -20.05 -10.65
C GLY A 158 -4.68 -19.74 -11.95
N ARG A 159 -4.60 -20.67 -12.89
CA ARG A 159 -5.16 -20.43 -14.23
C ARG A 159 -6.66 -20.30 -14.17
N PHE A 160 -7.31 -21.14 -13.37
CA PHE A 160 -8.72 -20.97 -13.10
C PHE A 160 -9.05 -19.58 -12.52
N THR A 161 -8.28 -19.13 -11.52
CA THR A 161 -8.52 -17.79 -10.92
C THR A 161 -8.36 -16.64 -11.92
N VAL A 162 -7.35 -16.72 -12.78
CA VAL A 162 -7.20 -15.70 -13.83
C VAL A 162 -8.46 -15.62 -14.69
N GLY A 163 -8.92 -16.76 -15.16
CA GLY A 163 -10.09 -16.80 -15.99
C GLY A 163 -11.30 -16.31 -15.24
N CYS A 164 -11.44 -16.71 -13.96
CA CYS A 164 -12.57 -16.19 -13.15
C CYS A 164 -12.57 -14.66 -13.04
N VAL A 165 -11.41 -14.13 -12.61
CA VAL A 165 -11.28 -12.69 -12.35
C VAL A 165 -11.40 -11.85 -13.63
N LEU A 166 -10.83 -12.33 -14.73
CA LEU A 166 -11.02 -11.70 -16.02
C LEU A 166 -12.49 -11.51 -16.30
N GLU A 167 -13.29 -12.56 -16.12
CA GLU A 167 -14.72 -12.49 -16.39
C GLU A 167 -15.47 -11.55 -15.36
N GLU A 168 -15.12 -11.61 -14.09
CA GLU A 168 -15.67 -10.69 -13.09
C GLU A 168 -15.40 -9.22 -13.41
N GLN A 169 -14.16 -8.93 -13.81
CA GLN A 169 -13.74 -7.55 -14.05
C GLN A 169 -14.20 -7.03 -15.41
N ALA A 170 -14.40 -7.91 -16.41
CA ALA A 170 -14.80 -7.46 -17.76
C ALA A 170 -16.10 -6.70 -17.63
N GLU A 171 -17.03 -7.33 -16.92
CA GLU A 171 -18.35 -6.76 -16.59
C GLU A 171 -18.44 -5.21 -16.45
N ILE A 187 3.46 -29.48 -16.92
CA ILE A 187 4.65 -28.66 -17.20
C ILE A 187 4.65 -28.12 -18.67
N ASP A 188 4.68 -29.00 -19.70
CA ASP A 188 4.23 -28.55 -21.05
C ASP A 188 2.75 -28.18 -20.91
N HIS A 189 2.25 -27.30 -21.77
CA HIS A 189 0.91 -26.75 -21.54
C HIS A 189 -0.18 -27.77 -21.69
N GLU A 190 -0.04 -28.64 -22.69
CA GLU A 190 -0.93 -29.77 -22.88
C GLU A 190 -1.15 -30.62 -21.63
N SER A 191 -0.05 -31.05 -21.01
CA SER A 191 -0.10 -31.93 -19.85
C SER A 191 -0.77 -31.28 -18.65
N ALA A 192 -0.40 -30.02 -18.44
CA ALA A 192 -0.93 -29.23 -17.38
C ALA A 192 -2.44 -29.00 -17.58
N PHE A 193 -2.84 -28.72 -18.81
CA PHE A 193 -4.23 -28.58 -19.08
C PHE A 193 -4.99 -29.88 -18.76
N GLU A 194 -4.44 -31.01 -19.15
CA GLU A 194 -5.12 -32.27 -18.97
C GLU A 194 -5.27 -32.63 -17.48
N ALA A 195 -4.22 -32.37 -16.73
CA ALA A 195 -4.24 -32.70 -15.30
C ALA A 195 -5.18 -31.74 -14.55
N GLY A 196 -5.24 -30.48 -14.96
CA GLY A 196 -6.08 -29.52 -14.24
C GLY A 196 -7.54 -29.84 -14.55
N LEU A 197 -7.78 -30.32 -15.77
CA LEU A 197 -9.09 -30.73 -16.19
C LEU A 197 -9.56 -32.02 -15.49
N ALA A 198 -8.64 -32.94 -15.21
CA ALA A 198 -9.01 -34.19 -14.56
C ALA A 198 -9.32 -33.89 -13.07
N LEU A 199 -8.59 -32.93 -12.50
CA LEU A 199 -8.83 -32.49 -11.13
C LEU A 199 -10.22 -32.00 -10.96
N ILE A 200 -10.63 -31.10 -11.83
CA ILE A 200 -11.96 -30.52 -11.86
C ILE A 200 -13.02 -31.58 -11.97
N THR A 201 -12.85 -32.46 -12.96
CA THR A 201 -13.85 -33.44 -13.30
C THR A 201 -13.97 -34.48 -12.22
N ASP A 202 -12.82 -34.91 -11.67
CA ASP A 202 -12.76 -35.74 -10.48
C ASP A 202 -13.51 -35.12 -9.28
N GLY A 203 -13.39 -33.82 -9.05
CA GLY A 203 -14.07 -33.24 -7.88
C GLY A 203 -15.59 -33.27 -8.09
N LEU A 204 -16.03 -33.39 -9.33
CA LEU A 204 -17.45 -33.37 -9.64
C LEU A 204 -18.13 -34.70 -9.36
N VAL A 205 -17.34 -35.78 -9.41
CA VAL A 205 -17.84 -37.17 -9.35
C VAL A 205 -18.78 -37.38 -8.13
N ARG A 206 -18.41 -36.76 -7.01
CA ARG A 206 -19.13 -36.91 -5.75
C ARG A 206 -20.56 -36.36 -5.75
N HIS A 207 -20.83 -35.38 -6.63
CA HIS A 207 -22.17 -34.83 -6.73
C HIS A 207 -23.06 -35.60 -7.72
N VAL A 208 -22.45 -36.58 -8.40
CA VAL A 208 -23.15 -37.33 -9.43
C VAL A 208 -23.99 -38.42 -8.80
N ASP A 209 -25.26 -38.41 -9.14
CA ASP A 209 -26.14 -39.49 -8.79
C ASP A 209 -27.17 -39.85 -9.89
N ALA A 210 -26.77 -40.82 -10.72
CA ALA A 210 -27.65 -41.45 -11.72
C ALA A 210 -28.98 -42.07 -11.16
N ARG A 211 -30.07 -41.27 -11.14
CA ARG A 211 -31.39 -41.76 -10.72
C ARG A 211 -32.56 -41.34 -11.63
N MSE B 25 -22.32 -6.94 -48.91
CA MSE B 25 -21.91 -6.55 -47.52
C MSE B 25 -23.06 -6.48 -46.47
O MSE B 25 -24.11 -5.86 -46.66
CB MSE B 25 -21.12 -5.24 -47.54
CG MSE B 25 -20.00 -5.21 -46.52
SE MSE B 25 -19.87 -3.45 -45.68
CE MSE B 25 -17.93 -3.35 -45.74
N ASN B 26 -22.78 -7.13 -45.34
CA ASN B 26 -23.74 -7.39 -44.26
C ASN B 26 -22.85 -7.70 -43.05
N ARG B 27 -23.47 -8.04 -41.92
CA ARG B 27 -22.75 -8.37 -40.68
C ARG B 27 -21.78 -9.55 -40.86
N GLU B 28 -22.19 -10.61 -41.58
CA GLU B 28 -21.34 -11.83 -41.69
C GLU B 28 -20.06 -11.50 -42.39
N THR B 29 -20.20 -10.76 -43.47
CA THR B 29 -19.11 -10.37 -44.34
C THR B 29 -18.06 -9.60 -43.59
N VAL B 30 -18.53 -8.76 -42.69
CA VAL B 30 -17.63 -7.88 -41.96
C VAL B 30 -16.87 -8.76 -40.96
N ILE B 31 -17.59 -9.72 -40.36
CA ILE B 31 -17.03 -10.51 -39.28
C ILE B 31 -15.97 -11.47 -39.84
N THR B 32 -16.29 -12.10 -40.97
CA THR B 32 -15.33 -12.92 -41.77
C THR B 32 -14.09 -12.13 -42.16
N GLU B 33 -14.24 -10.87 -42.59
CA GLU B 33 -13.05 -10.09 -42.92
C GLU B 33 -12.21 -9.81 -41.66
N ALA B 34 -12.93 -9.48 -40.58
CA ALA B 34 -12.32 -9.14 -39.30
C ALA B 34 -11.48 -10.29 -38.76
N LEU B 35 -12.04 -11.49 -38.77
CA LEU B 35 -11.28 -12.73 -38.48
C LEU B 35 -10.02 -12.99 -39.35
N ASP B 36 -10.10 -12.75 -40.67
CA ASP B 36 -8.95 -12.76 -41.62
C ASP B 36 -7.86 -11.82 -41.12
N LEU B 37 -8.32 -10.63 -40.79
CA LEU B 37 -7.47 -9.54 -40.33
C LEU B 37 -6.84 -9.88 -39.02
N LEU B 38 -7.63 -10.41 -38.07
CA LEU B 38 -7.05 -10.95 -36.84
C LEU B 38 -5.94 -12.00 -37.12
N ASP B 39 -6.22 -12.95 -38.02
CA ASP B 39 -5.23 -14.00 -38.38
C ASP B 39 -3.96 -13.34 -38.90
N GLU B 40 -4.11 -12.28 -39.69
CA GLU B 40 -2.97 -11.62 -40.28
C GLU B 40 -2.14 -10.75 -39.35
N VAL B 41 -2.78 -9.95 -38.49
CA VAL B 41 -2.04 -8.91 -37.70
C VAL B 41 -2.12 -9.06 -36.19
N GLY B 42 -2.77 -10.14 -35.71
CA GLY B 42 -3.00 -10.41 -34.27
C GLY B 42 -4.03 -9.45 -33.69
N LEU B 43 -4.47 -9.67 -32.45
CA LEU B 43 -5.59 -8.84 -31.88
C LEU B 43 -5.29 -7.35 -31.82
N ASP B 44 -4.06 -6.98 -31.48
CA ASP B 44 -3.79 -5.54 -31.36
C ASP B 44 -3.93 -4.74 -32.67
N GLY B 45 -3.78 -5.40 -33.82
CA GLY B 45 -3.88 -4.71 -35.10
C GLY B 45 -5.31 -4.61 -35.59
N VAL B 46 -6.27 -5.08 -34.80
CA VAL B 46 -7.66 -5.12 -35.27
C VAL B 46 -8.31 -3.80 -34.88
N SER B 47 -8.63 -3.01 -35.88
CA SER B 47 -9.36 -1.78 -35.57
C SER B 47 -10.38 -1.52 -36.62
N THR B 48 -11.40 -0.79 -36.20
CA THR B 48 -12.43 -0.30 -37.07
C THR B 48 -11.88 0.48 -38.27
N ARG B 49 -10.79 1.21 -38.08
CA ARG B 49 -10.18 1.96 -39.18
C ARG B 49 -9.53 1.01 -40.21
N ARG B 50 -8.64 0.10 -39.75
CA ARG B 50 -7.98 -0.84 -40.63
C ARG B 50 -9.00 -1.77 -41.31
N LEU B 51 -10.05 -2.15 -40.59
CA LEU B 51 -11.09 -3.01 -41.17
C LEU B 51 -11.94 -2.29 -42.24
N ALA B 52 -12.30 -1.03 -41.99
CA ALA B 52 -13.03 -0.26 -43.00
C ALA B 52 -12.15 -0.15 -44.25
N LYS B 53 -10.88 0.21 -44.01
CA LYS B 53 -9.93 0.36 -45.11
C LYS B 53 -9.96 -0.89 -45.96
N ARG B 54 -9.71 -2.02 -45.31
CA ARG B 54 -9.73 -3.36 -45.92
C ARG B 54 -11.00 -3.64 -46.70
N LEU B 55 -12.15 -3.29 -46.13
CA LEU B 55 -13.44 -3.52 -46.82
C LEU B 55 -13.72 -2.56 -48.00
N GLY B 56 -12.85 -1.56 -48.20
CA GLY B 56 -12.99 -0.57 -49.32
C GLY B 56 -14.20 0.32 -49.11
N VAL B 57 -14.40 0.69 -47.85
CA VAL B 57 -15.60 1.29 -47.35
C VAL B 57 -15.11 2.25 -46.24
N GLU B 58 -15.87 3.29 -45.95
CA GLU B 58 -15.52 4.18 -44.85
C GLU B 58 -16.24 3.89 -43.57
N GLN B 59 -15.74 4.49 -42.49
CA GLN B 59 -16.07 4.02 -41.13
C GLN B 59 -17.54 3.92 -40.80
N PRO B 60 -18.39 4.98 -41.08
CA PRO B 60 -19.85 4.87 -40.79
C PRO B 60 -20.59 3.59 -41.27
N SER B 61 -20.28 3.14 -42.48
CA SER B 61 -20.82 1.86 -43.01
C SER B 61 -20.51 0.69 -42.08
N LEU B 62 -19.32 0.71 -41.49
CA LEU B 62 -18.90 -0.29 -40.48
C LEU B 62 -19.55 -0.02 -39.12
N TYR B 63 -19.69 1.25 -38.77
CA TYR B 63 -20.44 1.59 -37.56
C TYR B 63 -21.97 1.42 -37.68
N TRP B 64 -22.53 1.20 -38.89
CA TRP B 64 -23.92 0.68 -38.97
C TRP B 64 -24.03 -0.54 -38.05
N TYR B 65 -23.13 -1.52 -38.28
CA TYR B 65 -23.28 -2.84 -37.71
C TYR B 65 -22.76 -2.99 -36.29
N PHE B 66 -21.62 -2.38 -36.01
CA PHE B 66 -21.02 -2.42 -34.69
C PHE B 66 -20.74 -1.01 -34.21
N ARG B 67 -21.50 -0.60 -33.19
CA ARG B 67 -21.50 0.79 -32.70
C ARG B 67 -20.22 1.09 -31.97
N THR B 68 -19.76 0.13 -31.17
CA THR B 68 -18.48 0.27 -30.53
C THR B 68 -17.52 -0.80 -31.05
N LYS B 69 -16.25 -0.54 -30.81
CA LYS B 69 -15.21 -1.53 -30.92
C LYS B 69 -15.61 -2.84 -30.22
N ARG B 70 -16.33 -2.73 -29.09
CA ARG B 70 -16.55 -3.96 -28.27
C ARG B 70 -17.68 -4.88 -28.80
N ASP B 71 -18.64 -4.27 -29.48
CA ASP B 71 -19.65 -4.90 -30.31
C ASP B 71 -18.96 -5.72 -31.41
N LEU B 72 -17.95 -5.16 -32.09
CA LEU B 72 -17.20 -5.86 -33.12
C LEU B 72 -16.47 -7.07 -32.54
N LEU B 73 -15.74 -6.84 -31.47
CA LEU B 73 -14.97 -7.86 -30.83
C LEU B 73 -15.82 -8.99 -30.35
N THR B 74 -16.97 -8.69 -29.74
CA THR B 74 -17.97 -9.66 -29.25
C THR B 74 -18.46 -10.57 -30.37
N ALA B 75 -18.84 -9.94 -31.46
CA ALA B 75 -19.28 -10.64 -32.64
C ALA B 75 -18.18 -11.54 -33.22
N MSE B 76 -16.94 -11.03 -33.26
CA MSE B 76 -15.77 -11.84 -33.64
C MSE B 76 -15.51 -13.01 -32.72
O MSE B 76 -15.14 -14.10 -33.18
CB MSE B 76 -14.50 -10.97 -33.69
CG MSE B 76 -14.49 -9.89 -34.82
SE MSE B 76 -13.03 -8.59 -34.48
CE MSE B 76 -11.53 -9.82 -34.29
N ALA B 77 -15.64 -12.77 -31.41
CA ALA B 77 -15.39 -13.86 -30.41
C ALA B 77 -16.46 -14.95 -30.55
N GLN B 78 -17.72 -14.57 -30.80
N GLN B 78 -17.73 -14.57 -30.77
CA GLN B 78 -18.86 -15.50 -30.99
CA GLN B 78 -18.81 -15.53 -31.00
C GLN B 78 -18.66 -16.32 -32.31
C GLN B 78 -18.38 -16.32 -32.24
N ALA B 79 -18.33 -15.62 -33.38
CA ALA B 79 -17.94 -16.23 -34.67
C ALA B 79 -16.69 -17.14 -34.60
N ALA B 80 -15.64 -16.73 -33.86
CA ALA B 80 -14.43 -17.62 -33.60
C ALA B 80 -14.64 -18.89 -32.79
N MSE B 81 -15.79 -18.97 -32.16
CA MSE B 81 -16.11 -20.23 -31.46
C MSE B 81 -16.80 -21.28 -32.33
O MSE B 81 -16.89 -22.44 -31.89
CB MSE B 81 -16.96 -20.01 -30.16
CG MSE B 81 -16.23 -19.34 -28.92
SE MSE B 81 -14.62 -20.21 -28.53
CE MSE B 81 -15.35 -22.02 -28.30
N ALA B 82 -17.30 -20.90 -33.53
CA ALA B 82 -17.97 -21.86 -34.46
C ALA B 82 -17.28 -23.23 -34.58
N PRO B 83 -15.91 -23.28 -34.67
CA PRO B 83 -15.29 -24.64 -34.78
C PRO B 83 -15.53 -25.63 -33.65
N HIS B 84 -15.80 -25.15 -32.42
CA HIS B 84 -16.11 -26.00 -31.26
C HIS B 84 -17.40 -26.78 -31.64
N ALA B 85 -18.19 -26.22 -32.57
CA ALA B 85 -19.44 -26.90 -32.93
C ALA B 85 -19.19 -28.08 -33.92
N ALA B 86 -17.93 -28.29 -34.29
CA ALA B 86 -17.57 -29.50 -35.04
C ALA B 86 -17.60 -30.72 -34.16
N GLU B 87 -17.76 -30.53 -32.86
CA GLU B 87 -17.81 -31.67 -31.91
C GLU B 87 -19.25 -32.24 -32.02
N PRO B 88 -19.42 -33.59 -32.09
CA PRO B 88 -20.79 -34.07 -31.99
C PRO B 88 -21.43 -33.69 -30.66
N LEU B 89 -22.72 -33.41 -30.63
CA LEU B 89 -23.38 -33.16 -29.34
C LEU B 89 -23.38 -34.50 -28.59
N PRO B 90 -23.54 -34.51 -27.25
CA PRO B 90 -23.51 -35.82 -26.59
C PRO B 90 -24.65 -36.76 -27.08
N GLU B 91 -24.49 -38.06 -26.92
CA GLU B 91 -25.57 -38.99 -27.24
C GLU B 91 -26.21 -39.48 -25.92
N PRO B 92 -27.56 -39.71 -25.92
CA PRO B 92 -28.19 -40.15 -24.68
C PRO B 92 -27.58 -41.44 -24.21
N GLY B 93 -27.27 -41.53 -22.93
CA GLY B 93 -26.77 -42.78 -22.39
C GLY B 93 -25.26 -42.85 -22.29
N GLU B 94 -24.54 -42.12 -23.12
CA GLU B 94 -23.08 -42.17 -23.10
C GLU B 94 -22.51 -41.60 -21.80
N ASP B 95 -21.30 -42.06 -21.48
CA ASP B 95 -20.55 -41.68 -20.29
C ASP B 95 -20.41 -40.16 -20.15
N TRP B 96 -21.02 -39.54 -19.14
CA TRP B 96 -21.01 -38.07 -19.03
C TRP B 96 -19.56 -37.62 -18.86
N HIS B 97 -18.74 -38.51 -18.32
CA HIS B 97 -17.43 -38.18 -17.79
C HIS B 97 -16.45 -38.05 -18.94
N GLY B 98 -16.46 -39.06 -19.81
CA GLY B 98 -15.66 -39.06 -21.05
C GLY B 98 -16.11 -37.92 -21.96
N TRP B 99 -17.43 -37.73 -22.08
CA TRP B 99 -17.95 -36.62 -22.87
C TRP B 99 -17.41 -35.25 -22.39
N PHE B 100 -17.49 -35.01 -21.08
CA PHE B 100 -17.06 -33.75 -20.50
C PHE B 100 -15.57 -33.49 -20.81
N LEU B 101 -14.76 -34.54 -20.81
CA LEU B 101 -13.34 -34.36 -21.18
C LEU B 101 -13.23 -33.98 -22.66
N ARG B 102 -13.83 -34.74 -23.57
CA ARG B 102 -13.82 -34.38 -25.01
C ARG B 102 -14.26 -32.94 -25.24
N ASN B 103 -15.38 -32.57 -24.64
CA ASN B 103 -15.96 -31.29 -24.89
C ASN B 103 -15.01 -30.15 -24.45
N THR B 104 -14.34 -30.32 -23.32
CA THR B 104 -13.39 -29.29 -22.87
C THR B 104 -12.12 -29.26 -23.71
N ARG B 105 -11.62 -30.45 -24.08
CA ARG B 105 -10.47 -30.55 -25.02
C ARG B 105 -10.83 -29.85 -26.32
N SER B 106 -12.03 -30.04 -26.84
CA SER B 106 -12.47 -29.25 -28.02
C SER B 106 -12.48 -27.72 -27.87
N PHE B 107 -12.91 -27.26 -26.69
CA PHE B 107 -12.99 -25.85 -26.33
C PHE B 107 -11.61 -25.21 -26.34
N ARG B 108 -10.67 -25.91 -25.68
CA ARG B 108 -9.28 -25.51 -25.68
C ARG B 108 -8.72 -25.47 -27.11
N ARG B 109 -8.99 -26.49 -27.94
CA ARG B 109 -8.37 -26.51 -29.31
C ARG B 109 -8.90 -25.32 -30.12
N THR B 110 -10.15 -25.02 -29.91
CA THR B 110 -10.78 -23.91 -30.68
C THR B 110 -10.05 -22.60 -30.41
N LEU B 111 -10.01 -22.17 -29.16
CA LEU B 111 -9.24 -21.00 -28.69
C LEU B 111 -7.80 -21.09 -29.09
N LEU B 112 -7.14 -22.26 -28.87
CA LEU B 112 -5.72 -22.42 -29.14
C LEU B 112 -5.38 -22.28 -30.64
N ALA B 113 -6.24 -22.78 -31.52
CA ALA B 113 -5.97 -22.66 -32.99
C ALA B 113 -6.03 -21.22 -33.53
N ARG B 114 -6.80 -20.35 -32.89
CA ARG B 114 -6.99 -19.00 -33.37
C ARG B 114 -5.92 -18.05 -32.76
N ARG B 115 -5.36 -17.18 -33.59
CA ARG B 115 -4.33 -16.24 -33.13
C ARG B 115 -4.98 -15.33 -32.08
N ASP B 116 -4.35 -15.24 -30.89
CA ASP B 116 -4.87 -14.43 -29.75
C ASP B 116 -6.28 -14.86 -29.34
N GLY B 117 -6.57 -16.17 -29.49
CA GLY B 117 -7.93 -16.71 -29.41
C GLY B 117 -8.52 -16.57 -28.02
N ALA B 118 -7.71 -16.89 -27.03
CA ALA B 118 -8.09 -16.71 -25.64
C ALA B 118 -8.29 -15.22 -25.26
N ARG B 119 -7.39 -14.32 -25.63
CA ARG B 119 -7.61 -12.88 -25.40
C ARG B 119 -8.84 -12.35 -26.08
N LEU B 120 -9.08 -12.80 -27.31
CA LEU B 120 -10.32 -12.45 -28.03
C LEU B 120 -11.51 -12.92 -27.18
N HIS B 121 -11.40 -14.13 -26.68
CA HIS B 121 -12.51 -14.74 -25.93
C HIS B 121 -12.81 -14.02 -24.61
N ALA B 122 -11.74 -13.60 -23.93
CA ALA B 122 -11.77 -13.07 -22.54
C ALA B 122 -12.14 -11.58 -22.55
N GLY B 123 -11.90 -10.95 -23.70
CA GLY B 123 -12.15 -9.52 -23.88
C GLY B 123 -13.58 -9.20 -24.26
N SER B 124 -14.45 -10.22 -24.26
CA SER B 124 -15.85 -10.05 -24.60
C SER B 124 -16.77 -11.03 -23.88
N ARG B 125 -18.07 -10.74 -23.86
CA ARG B 125 -19.09 -11.59 -23.24
C ARG B 125 -19.86 -12.44 -24.28
N PRO B 126 -20.03 -13.77 -24.05
CA PRO B 126 -20.68 -14.58 -25.11
C PRO B 126 -22.22 -14.57 -25.13
N ASP B 129 -26.33 -21.88 -30.01
CA ASP B 129 -25.17 -22.26 -29.15
C ASP B 129 -25.26 -21.84 -27.64
N LEU B 130 -26.02 -20.78 -27.31
CA LEU B 130 -26.61 -20.69 -25.98
C LEU B 130 -27.62 -21.87 -25.84
N ASP B 131 -28.44 -22.04 -26.86
CA ASP B 131 -29.21 -23.25 -27.09
C ASP B 131 -28.35 -24.53 -27.10
N ARG B 132 -27.23 -24.51 -27.82
CA ARG B 132 -26.25 -25.61 -27.81
C ARG B 132 -25.67 -25.92 -26.38
N VAL B 133 -25.38 -24.87 -25.59
CA VAL B 133 -24.98 -25.02 -24.17
C VAL B 133 -26.10 -25.63 -23.30
N ARG B 134 -27.34 -25.15 -23.45
CA ARG B 134 -28.46 -25.69 -22.69
C ARG B 134 -28.66 -27.17 -23.05
N ARG B 135 -28.64 -27.48 -24.34
CA ARG B 135 -28.64 -28.86 -24.81
C ARG B 135 -27.59 -29.76 -24.09
N LYS B 136 -26.35 -29.27 -24.00
CA LYS B 136 -25.27 -30.08 -23.35
C LYS B 136 -25.51 -30.20 -21.84
N MSE B 137 -26.13 -29.16 -21.27
CA MSE B 137 -26.45 -29.10 -19.85
C MSE B 137 -27.54 -30.13 -19.50
O MSE B 137 -27.44 -30.85 -18.50
CB MSE B 137 -26.90 -27.70 -19.49
CG MSE B 137 -26.65 -27.31 -18.03
SE MSE B 137 -24.77 -27.16 -17.61
CE MSE B 137 -24.27 -25.64 -18.73
N ASP B 138 -28.56 -30.19 -20.36
CA ASP B 138 -29.60 -31.25 -20.27
C ASP B 138 -29.07 -32.70 -20.33
N PHE B 139 -28.12 -32.97 -21.19
CA PHE B 139 -27.44 -34.28 -21.19
C PHE B 139 -26.79 -34.57 -19.83
N LEU B 140 -26.11 -33.57 -19.28
CA LEU B 140 -25.46 -33.65 -18.00
C LEU B 140 -26.48 -33.92 -16.90
N VAL B 141 -27.53 -33.12 -16.84
CA VAL B 141 -28.59 -33.33 -15.86
C VAL B 141 -29.20 -34.71 -15.99
N ALA B 142 -29.44 -35.18 -17.20
CA ALA B 142 -29.94 -36.55 -17.42
C ALA B 142 -28.99 -37.68 -16.99
N SER B 143 -27.69 -37.39 -17.00
CA SER B 143 -26.68 -38.35 -16.63
C SER B 143 -26.41 -38.38 -15.12
N GLY B 144 -27.13 -37.50 -14.40
CA GLY B 144 -27.16 -37.56 -12.92
C GLY B 144 -26.26 -36.53 -12.28
N VAL B 145 -25.79 -35.56 -13.07
CA VAL B 145 -25.09 -34.42 -12.48
C VAL B 145 -26.16 -33.36 -12.20
N PRO B 146 -26.29 -32.93 -10.92
CA PRO B 146 -27.38 -31.98 -10.63
C PRO B 146 -27.12 -30.65 -11.35
N GLU B 147 -28.20 -30.02 -11.79
CA GLU B 147 -28.17 -28.74 -12.47
C GLU B 147 -27.08 -27.74 -11.98
N ARG B 148 -27.10 -27.38 -10.68
CA ARG B 148 -26.12 -26.46 -10.08
C ARG B 148 -24.70 -26.92 -10.27
N HIS B 149 -24.42 -28.19 -10.02
CA HIS B 149 -23.07 -28.71 -10.27
C HIS B 149 -22.72 -28.78 -11.76
N ALA B 150 -23.69 -29.07 -12.61
CA ALA B 150 -23.38 -29.16 -14.05
C ALA B 150 -22.94 -27.77 -14.49
N GLN B 151 -23.69 -26.72 -14.08
CA GLN B 151 -23.37 -25.33 -14.37
C GLN B 151 -21.99 -24.84 -13.89
N MSE B 152 -21.73 -25.01 -12.60
CA MSE B 152 -20.43 -24.78 -11.99
C MSE B 152 -19.27 -25.55 -12.59
O MSE B 152 -18.15 -25.02 -12.70
CB MSE B 152 -20.48 -25.10 -10.48
CG MSE B 152 -21.34 -24.11 -9.67
SE MSE B 152 -21.05 -22.19 -10.05
CE MSE B 152 -22.22 -21.79 -11.53
N ALA B 153 -19.48 -26.82 -12.89
CA ALA B 153 -18.43 -27.65 -13.49
C ALA B 153 -18.03 -27.14 -14.87
N MSE B 154 -19.02 -26.78 -15.68
CA MSE B 154 -18.87 -26.23 -17.05
C MSE B 154 -18.27 -24.80 -17.05
O MSE B 154 -17.48 -24.50 -17.92
CB MSE B 154 -20.22 -26.15 -17.78
CG MSE B 154 -20.87 -27.48 -18.10
SE MSE B 154 -20.04 -28.32 -19.68
CE MSE B 154 -20.80 -27.22 -21.11
N LEU B 155 -18.64 -23.94 -16.12
CA LEU B 155 -17.92 -22.67 -15.94
C LEU B 155 -16.50 -22.88 -15.47
N ALA B 156 -16.31 -23.80 -14.52
CA ALA B 156 -14.99 -23.97 -13.93
C ALA B 156 -14.07 -24.39 -15.05
N ALA B 157 -14.48 -25.42 -15.78
CA ALA B 157 -13.66 -25.99 -16.86
C ALA B 157 -13.32 -24.95 -17.94
N GLY B 158 -14.29 -24.11 -18.34
CA GLY B 158 -14.07 -23.07 -19.28
C GLY B 158 -13.14 -21.95 -18.81
N ARG B 159 -13.21 -21.59 -17.54
CA ARG B 159 -12.41 -20.49 -17.06
C ARG B 159 -11.00 -20.99 -16.90
N PHE B 160 -10.85 -22.21 -16.41
CA PHE B 160 -9.53 -22.89 -16.37
C PHE B 160 -8.90 -22.96 -17.77
N THR B 161 -9.67 -23.44 -18.73
CA THR B 161 -9.25 -23.40 -20.12
C THR B 161 -8.88 -22.00 -20.62
N VAL B 162 -9.74 -21.00 -20.45
CA VAL B 162 -9.32 -19.63 -20.79
C VAL B 162 -7.92 -19.28 -20.17
N GLY B 163 -7.76 -19.43 -18.87
CA GLY B 163 -6.49 -19.15 -18.25
C GLY B 163 -5.31 -19.93 -18.83
N CYS B 164 -5.51 -21.24 -19.03
CA CYS B 164 -4.51 -22.11 -19.62
C CYS B 164 -3.96 -21.61 -20.95
N VAL B 165 -4.87 -21.23 -21.85
CA VAL B 165 -4.54 -20.98 -23.26
C VAL B 165 -3.96 -19.57 -23.40
N LEU B 166 -4.52 -18.61 -22.66
CA LEU B 166 -4.00 -17.26 -22.51
C LEU B 166 -2.53 -17.29 -22.17
N GLU B 167 -2.16 -18.10 -21.19
CA GLU B 167 -0.78 -18.27 -20.83
C GLU B 167 0.04 -18.99 -21.90
N GLU B 168 -0.53 -20.04 -22.50
CA GLU B 168 0.07 -20.70 -23.68
C GLU B 168 0.29 -19.73 -24.86
N GLN B 169 -0.71 -18.94 -25.20
CA GLN B 169 -0.56 -18.02 -26.31
C GLN B 169 0.38 -16.80 -26.06
N ALA B 170 0.52 -16.36 -24.81
CA ALA B 170 1.49 -15.31 -24.46
C ALA B 170 2.90 -15.79 -24.70
N GLU B 171 3.22 -16.99 -24.22
CA GLU B 171 4.56 -17.54 -24.46
C GLU B 171 4.60 -18.44 -25.70
N ILE B 187 -25.08 -11.66 -11.10
CA ILE B 187 -24.06 -12.72 -11.34
C ILE B 187 -23.13 -12.87 -10.10
N ASP B 188 -23.12 -14.08 -9.55
CA ASP B 188 -22.39 -14.27 -8.32
C ASP B 188 -21.08 -14.93 -8.69
N HIS B 189 -20.11 -14.06 -8.96
CA HIS B 189 -18.77 -14.47 -9.38
C HIS B 189 -18.06 -15.12 -8.23
N GLU B 190 -18.32 -14.64 -7.03
CA GLU B 190 -17.65 -15.16 -5.88
C GLU B 190 -18.05 -16.58 -5.59
N SER B 191 -19.35 -16.84 -5.62
CA SER B 191 -19.77 -18.21 -5.37
C SER B 191 -19.39 -19.17 -6.55
N ALA B 192 -19.35 -18.65 -7.78
CA ALA B 192 -18.82 -19.42 -8.91
C ALA B 192 -17.32 -19.78 -8.75
N PHE B 193 -16.51 -18.79 -8.38
CA PHE B 193 -15.10 -19.02 -7.99
C PHE B 193 -14.92 -20.06 -6.91
N GLU B 194 -15.68 -19.93 -5.84
CA GLU B 194 -15.64 -20.86 -4.75
C GLU B 194 -16.03 -22.30 -5.16
N ALA B 195 -17.10 -22.42 -5.94
CA ALA B 195 -17.51 -23.75 -6.42
C ALA B 195 -16.44 -24.35 -7.34
N GLY B 196 -15.89 -23.55 -8.25
CA GLY B 196 -14.84 -24.10 -9.12
C GLY B 196 -13.63 -24.51 -8.31
N LEU B 197 -13.27 -23.69 -7.31
CA LEU B 197 -12.07 -23.94 -6.54
C LEU B 197 -12.22 -25.23 -5.72
N ALA B 198 -13.42 -25.45 -5.18
CA ALA B 198 -13.73 -26.67 -4.44
C ALA B 198 -13.66 -27.92 -5.31
N LEU B 199 -14.13 -27.83 -6.55
CA LEU B 199 -13.93 -28.90 -7.50
C LEU B 199 -12.44 -29.32 -7.64
N ILE B 200 -11.57 -28.33 -7.86
CA ILE B 200 -10.13 -28.56 -8.07
C ILE B 200 -9.53 -29.20 -6.86
N THR B 201 -9.79 -28.59 -5.70
CA THR B 201 -9.24 -29.01 -4.43
C THR B 201 -9.79 -30.36 -4.01
N ASP B 202 -11.06 -30.61 -4.26
CA ASP B 202 -11.65 -31.93 -3.97
C ASP B 202 -11.07 -33.01 -4.90
N GLY B 203 -10.85 -32.66 -6.15
CA GLY B 203 -10.08 -33.54 -7.06
C GLY B 203 -8.70 -33.88 -6.48
N LEU B 204 -8.05 -32.88 -5.91
CA LEU B 204 -6.72 -33.06 -5.31
C LEU B 204 -6.74 -33.91 -4.04
N VAL B 205 -7.70 -33.62 -3.15
CA VAL B 205 -7.88 -34.36 -1.94
C VAL B 205 -7.91 -35.85 -2.28
N ARG B 206 -8.60 -36.18 -3.36
CA ARG B 206 -8.62 -37.56 -3.79
C ARG B 206 -7.27 -38.31 -3.97
N HIS B 207 -6.14 -37.59 -4.16
CA HIS B 207 -4.80 -38.21 -4.35
C HIS B 207 -3.92 -38.16 -3.12
N VAL B 208 -4.47 -37.75 -1.98
CA VAL B 208 -3.60 -37.42 -0.85
C VAL B 208 -3.37 -38.60 0.10
N THR C 23 -18.08 -4.20 -1.30
CA THR C 23 -16.71 -4.49 -0.73
C THR C 23 -16.76 -5.38 0.55
N LYS C 24 -15.86 -6.38 0.60
CA LYS C 24 -15.65 -7.20 1.81
C LYS C 24 -15.28 -6.33 3.02
N MSE C 25 -16.02 -6.47 4.12
CA MSE C 25 -15.51 -5.95 5.40
C MSE C 25 -14.41 -6.82 5.99
O MSE C 25 -14.52 -8.04 6.09
CB MSE C 25 -16.61 -5.75 6.44
CG MSE C 25 -17.41 -4.52 6.25
SE MSE C 25 -16.38 -2.86 6.43
CE MSE C 25 -16.07 -2.50 4.53
N ASN C 26 -13.34 -6.15 6.39
CA ASN C 26 -12.27 -6.78 7.13
C ASN C 26 -11.38 -5.68 7.68
N ARG C 27 -10.44 -6.03 8.55
CA ARG C 27 -9.70 -5.03 9.29
C ARG C 27 -8.73 -4.18 8.42
N GLU C 28 -7.98 -4.84 7.51
CA GLU C 28 -7.07 -4.22 6.56
C GLU C 28 -7.76 -3.14 5.76
N THR C 29 -8.92 -3.48 5.21
CA THR C 29 -9.76 -2.60 4.45
C THR C 29 -10.19 -1.38 5.23
N VAL C 30 -10.66 -1.61 6.45
CA VAL C 30 -11.04 -0.53 7.35
C VAL C 30 -9.85 0.43 7.63
N ILE C 31 -8.73 -0.14 8.07
CA ILE C 31 -7.51 0.64 8.31
C ILE C 31 -7.06 1.44 7.07
N THR C 32 -7.07 0.79 5.90
CA THR C 32 -6.60 1.38 4.63
C THR C 32 -7.46 2.57 4.23
N GLU C 33 -8.76 2.38 4.42
CA GLU C 33 -9.75 3.41 4.23
C GLU C 33 -9.60 4.56 5.26
N ALA C 34 -9.09 4.26 6.46
CA ALA C 34 -8.92 5.25 7.53
C ALA C 34 -7.69 6.11 7.27
N LEU C 35 -6.59 5.49 6.80
CA LEU C 35 -5.43 6.22 6.32
C LEU C 35 -5.75 7.08 5.10
N ASP C 36 -6.60 6.61 4.22
CA ASP C 36 -7.03 7.44 3.07
C ASP C 36 -7.93 8.61 3.51
N LEU C 37 -8.73 8.39 4.56
CA LEU C 37 -9.58 9.46 5.07
C LEU C 37 -8.69 10.53 5.73
N LEU C 38 -7.63 10.08 6.39
CA LEU C 38 -6.62 10.93 6.98
C LEU C 38 -6.04 11.84 5.89
N ASP C 39 -5.59 11.26 4.78
CA ASP C 39 -5.11 12.05 3.64
C ASP C 39 -6.14 13.09 3.20
N GLU C 40 -7.41 12.73 3.28
CA GLU C 40 -8.48 13.60 2.78
C GLU C 40 -8.91 14.73 3.72
N VAL C 41 -9.02 14.41 5.01
CA VAL C 41 -9.54 15.38 5.98
C VAL C 41 -8.54 15.90 7.01
N GLY C 42 -7.34 15.30 7.07
CA GLY C 42 -6.40 15.63 8.13
C GLY C 42 -6.80 14.90 9.40
N LEU C 43 -5.95 14.95 10.41
CA LEU C 43 -6.10 14.07 11.58
C LEU C 43 -7.29 14.41 12.48
N ASP C 44 -7.54 15.71 12.63
CA ASP C 44 -8.66 16.21 13.40
C ASP C 44 -9.98 15.93 12.73
N GLY C 45 -9.95 15.76 11.42
CA GLY C 45 -11.10 15.31 10.66
C GLY C 45 -11.45 13.84 10.86
N VAL C 46 -10.50 13.05 11.35
CA VAL C 46 -10.72 11.60 11.41
C VAL C 46 -11.63 11.25 12.56
N SER C 47 -12.70 10.51 12.25
CA SER C 47 -13.58 9.97 13.26
C SER C 47 -14.23 8.68 12.80
N THR C 48 -14.80 8.01 13.78
CA THR C 48 -15.60 6.83 13.58
C THR C 48 -16.86 7.12 12.73
N ARG C 49 -17.59 8.19 13.04
CA ARG C 49 -18.72 8.60 12.21
C ARG C 49 -18.33 8.85 10.75
N ARG C 50 -17.20 9.52 10.54
CA ARG C 50 -16.71 9.78 9.20
C ARG C 50 -16.22 8.54 8.46
N LEU C 51 -15.52 7.67 9.19
CA LEU C 51 -15.02 6.41 8.62
C LEU C 51 -16.17 5.47 8.21
N ALA C 52 -17.22 5.44 9.03
CA ALA C 52 -18.40 4.65 8.71
C ALA C 52 -19.01 5.06 7.38
N LYS C 53 -19.23 6.35 7.14
CA LYS C 53 -19.86 6.74 5.86
C LYS C 53 -18.92 6.65 4.67
N ARG C 54 -17.63 6.84 4.89
CA ARG C 54 -16.65 6.56 3.86
C ARG C 54 -16.79 5.12 3.37
N LEU C 55 -16.96 4.20 4.31
CA LEU C 55 -17.06 2.79 4.03
C LEU C 55 -18.50 2.42 3.65
N GLY C 56 -19.43 3.35 3.81
CA GLY C 56 -20.82 3.14 3.50
C GLY C 56 -21.50 2.16 4.44
N VAL C 57 -21.10 2.15 5.70
CA VAL C 57 -21.69 1.21 6.66
C VAL C 57 -22.24 1.99 7.84
N GLU C 58 -22.97 1.30 8.69
CA GLU C 58 -23.53 1.84 9.92
C GLU C 58 -22.43 2.07 10.96
N GLN C 59 -22.53 3.15 11.75
CA GLN C 59 -21.50 3.42 12.76
C GLN C 59 -21.25 2.24 13.75
N PRO C 60 -22.32 1.57 14.23
CA PRO C 60 -22.11 0.33 15.00
C PRO C 60 -21.52 -0.88 14.25
N SER C 61 -21.59 -0.94 12.91
CA SER C 61 -20.82 -1.91 12.13
C SER C 61 -19.31 -1.77 12.36
N LEU C 62 -18.81 -0.54 12.45
CA LEU C 62 -17.38 -0.31 12.66
C LEU C 62 -16.91 -0.77 14.03
N TYR C 63 -17.79 -0.74 14.99
CA TYR C 63 -17.53 -1.15 16.36
C TYR C 63 -16.83 -2.49 16.51
N TRP C 64 -17.19 -3.47 15.68
CA TRP C 64 -16.54 -4.81 15.67
C TRP C 64 -15.06 -4.76 15.28
N TYR C 65 -14.65 -3.68 14.61
CA TYR C 65 -13.25 -3.42 14.30
C TYR C 65 -12.59 -2.48 15.31
N PHE C 66 -13.24 -1.36 15.63
CA PHE C 66 -12.66 -0.40 16.55
C PHE C 66 -13.74 0.17 17.42
N ARG C 67 -13.63 -0.11 18.70
N ARG C 67 -13.63 -0.10 18.70
CA ARG C 67 -14.53 0.42 19.73
CA ARG C 67 -14.53 0.46 19.70
C ARG C 67 -14.42 1.95 19.88
C ARG C 67 -14.44 1.97 19.73
N THR C 68 -13.21 2.49 19.75
CA THR C 68 -12.98 3.91 19.93
C THR C 68 -12.07 4.54 18.86
N LYS C 69 -12.14 5.86 18.72
CA LYS C 69 -11.15 6.63 17.94
C LYS C 69 -9.69 6.26 18.36
N ARG C 70 -9.49 6.04 19.66
CA ARG C 70 -8.16 5.75 20.22
C ARG C 70 -7.60 4.45 19.66
N ASP C 71 -8.44 3.42 19.61
CA ASP C 71 -8.09 2.13 19.03
C ASP C 71 -7.83 2.19 17.54
N LEU C 72 -8.64 2.98 16.85
CA LEU C 72 -8.46 3.21 15.40
C LEU C 72 -7.09 3.86 15.07
N LEU C 73 -6.77 4.93 15.82
CA LEU C 73 -5.52 5.68 15.66
C LEU C 73 -4.30 4.78 15.93
N THR C 74 -4.36 4.00 16.99
CA THR C 74 -3.31 3.02 17.30
C THR C 74 -3.03 2.12 16.12
N ALA C 75 -4.09 1.50 15.56
CA ALA C 75 -3.97 0.66 14.36
C ALA C 75 -3.50 1.38 13.11
N MSE C 76 -4.04 2.56 12.87
CA MSE C 76 -3.62 3.45 11.76
C MSE C 76 -2.11 3.81 11.82
O MSE C 76 -1.41 3.79 10.82
CB MSE C 76 -4.43 4.77 11.76
CG MSE C 76 -5.87 4.64 11.28
SE MSE C 76 -6.92 6.24 11.73
CE MSE C 76 -5.88 7.51 10.67
N ALA C 77 -1.64 4.15 13.01
CA ALA C 77 -0.24 4.54 13.19
C ALA C 77 0.73 3.34 13.00
N GLN C 78 0.30 2.13 13.39
CA GLN C 78 1.14 0.98 13.22
C GLN C 78 1.15 0.67 11.72
N ALA C 79 0.00 0.76 11.06
CA ALA C 79 -0.06 0.42 9.64
C ALA C 79 0.71 1.43 8.80
N ALA C 80 0.63 2.72 9.17
CA ALA C 80 1.39 3.85 8.54
C ALA C 80 2.90 3.61 8.44
N MSE C 81 3.41 2.69 9.27
CA MSE C 81 4.82 2.36 9.34
C MSE C 81 5.29 1.26 8.40
O MSE C 81 6.48 1.11 8.17
CB MSE C 81 5.14 1.98 10.75
CG MSE C 81 5.08 3.17 11.71
SE MSE C 81 6.53 4.45 11.32
CE MSE C 81 5.55 5.84 10.43
N ALA C 82 4.37 0.45 7.85
CA ALA C 82 4.74 -0.60 6.90
C ALA C 82 5.77 -0.20 5.82
N PRO C 83 5.60 0.96 5.16
CA PRO C 83 6.60 1.37 4.16
C PRO C 83 8.04 1.39 4.68
N HIS C 84 8.21 1.74 5.96
CA HIS C 84 9.53 1.76 6.55
C HIS C 84 9.96 0.31 6.91
N ALA C 85 9.02 -0.51 7.33
CA ALA C 85 9.32 -1.90 7.62
C ALA C 85 9.61 -2.68 6.37
N ALA C 86 9.21 -2.15 5.21
CA ALA C 86 9.47 -2.85 3.93
C ALA C 86 10.87 -2.62 3.37
N GLU C 87 11.62 -1.69 3.95
CA GLU C 87 12.99 -1.44 3.46
C GLU C 87 13.91 -2.63 3.67
N PRO C 88 14.89 -2.81 2.74
CA PRO C 88 15.86 -3.88 2.95
C PRO C 88 16.64 -3.61 4.22
N LEU C 89 16.86 -4.64 5.03
CA LEU C 89 17.68 -4.48 6.21
C LEU C 89 19.13 -4.44 5.73
N PRO C 90 20.02 -3.74 6.49
CA PRO C 90 21.40 -3.53 6.03
C PRO C 90 22.18 -4.83 5.92
N GLU C 91 23.19 -4.82 5.07
CA GLU C 91 23.92 -6.01 4.72
C GLU C 91 25.38 -5.86 5.10
N PRO C 92 25.95 -6.87 5.81
CA PRO C 92 27.36 -6.80 6.20
C PRO C 92 28.26 -6.34 5.07
N GLY C 93 29.20 -5.46 5.40
CA GLY C 93 30.10 -4.91 4.40
C GLY C 93 29.59 -3.64 3.74
N GLU C 94 28.30 -3.39 3.76
CA GLU C 94 27.84 -2.14 3.20
C GLU C 94 28.16 -0.98 4.12
N ASP C 95 28.19 0.21 3.53
CA ASP C 95 28.70 1.38 4.20
C ASP C 95 27.65 1.77 5.21
N TRP C 96 28.05 1.70 6.49
CA TRP C 96 27.17 2.02 7.60
C TRP C 96 26.67 3.47 7.58
N HIS C 97 27.54 4.40 7.22
CA HIS C 97 27.31 5.84 7.22
C HIS C 97 26.18 6.20 6.24
N GLY C 98 26.35 5.81 4.98
CA GLY C 98 25.30 5.86 3.97
C GLY C 98 24.02 5.16 4.39
N TRP C 99 24.14 3.94 4.92
CA TRP C 99 22.98 3.25 5.44
C TRP C 99 22.26 4.04 6.55
N PHE C 100 22.98 4.53 7.55
CA PHE C 100 22.38 5.28 8.64
C PHE C 100 21.55 6.44 8.08
N LEU C 101 22.12 7.16 7.13
CA LEU C 101 21.44 8.30 6.54
C LEU C 101 20.18 7.87 5.84
N ARG C 102 20.32 6.84 5.00
CA ARG C 102 19.21 6.19 4.26
C ARG C 102 18.07 5.73 5.15
N ASN C 103 18.41 5.05 6.24
CA ASN C 103 17.42 4.68 7.24
C ASN C 103 16.59 5.84 7.77
N THR C 104 17.26 6.96 8.09
CA THR C 104 16.54 8.06 8.72
C THR C 104 15.72 8.77 7.66
N ARG C 105 16.22 8.86 6.40
CA ARG C 105 15.38 9.38 5.31
C ARG C 105 14.19 8.52 5.05
N SER C 106 14.36 7.21 5.18
CA SER C 106 13.22 6.34 4.96
C SER C 106 12.19 6.67 6.02
N PHE C 107 12.64 6.81 7.28
CA PHE C 107 11.75 7.14 8.42
C PHE C 107 11.01 8.45 8.18
N ARG C 108 11.74 9.51 7.88
CA ARG C 108 11.13 10.76 7.46
C ARG C 108 10.11 10.59 6.32
N ARG C 109 10.53 9.95 5.24
CA ARG C 109 9.64 9.74 4.08
C ARG C 109 8.33 9.02 4.46
N THR C 110 8.42 7.98 5.29
CA THR C 110 7.21 7.30 5.79
C THR C 110 6.25 8.19 6.55
N LEU C 111 6.77 9.12 7.35
CA LEU C 111 5.94 10.04 8.13
C LEU C 111 5.25 11.01 7.22
N LEU C 112 5.98 11.48 6.21
CA LEU C 112 5.45 12.48 5.28
C LEU C 112 4.43 11.88 4.35
N ALA C 113 4.42 10.54 4.27
CA ALA C 113 3.62 9.79 3.28
C ALA C 113 2.10 9.86 3.57
N ARG C 114 1.74 10.24 4.78
CA ARG C 114 0.34 10.43 5.14
C ARG C 114 0.17 11.84 5.66
N ARG C 115 -0.95 12.45 5.36
CA ARG C 115 -1.20 13.76 5.95
C ARG C 115 -1.17 13.66 7.48
N ASP C 116 -0.52 14.60 8.14
CA ASP C 116 -0.42 14.61 9.59
C ASP C 116 0.15 13.34 10.17
N GLY C 117 1.01 12.67 9.43
CA GLY C 117 1.50 11.37 9.85
C GLY C 117 2.43 11.45 11.02
N ALA C 118 3.10 12.60 11.19
CA ALA C 118 3.95 12.84 12.37
C ALA C 118 3.12 12.95 13.66
N ARG C 119 2.01 13.70 13.60
CA ARG C 119 1.07 13.73 14.69
C ARG C 119 0.42 12.38 14.95
N LEU C 120 0.01 11.70 13.88
CA LEU C 120 -0.54 10.37 14.01
C LEU C 120 0.46 9.42 14.74
N HIS C 121 1.72 9.45 14.34
CA HIS C 121 2.76 8.59 14.91
C HIS C 121 3.05 8.92 16.37
N ALA C 122 3.09 10.23 16.68
CA ALA C 122 3.43 10.75 18.02
C ALA C 122 2.27 10.51 18.96
N GLY C 123 1.04 10.63 18.45
CA GLY C 123 -0.17 10.46 19.26
C GLY C 123 -0.49 9.02 19.70
N SER C 124 0.05 8.03 18.98
CA SER C 124 -0.21 6.62 19.23
C SER C 124 1.01 5.82 18.91
N ARG C 125 2.09 6.08 19.63
CA ARG C 125 3.40 5.45 19.38
C ARG C 125 3.26 3.95 18.99
N PRO C 126 3.60 3.60 17.72
CA PRO C 126 3.58 2.22 17.26
C PRO C 126 4.76 1.46 17.85
N THR C 127 4.59 0.18 18.10
CA THR C 127 5.70 -0.62 18.65
C THR C 127 6.56 -1.09 17.49
N ALA C 128 7.84 -0.70 17.51
CA ALA C 128 8.72 -1.11 16.42
C ALA C 128 8.98 -2.61 16.50
N ASP C 129 9.64 -3.15 15.47
CA ASP C 129 9.91 -4.56 15.36
C ASP C 129 11.26 -4.86 16.05
N LEU C 130 11.21 -5.64 17.12
CA LEU C 130 12.43 -5.93 17.90
C LEU C 130 13.49 -6.67 17.08
N ASP C 131 13.02 -7.48 16.14
CA ASP C 131 13.92 -8.13 15.22
C ASP C 131 14.60 -7.13 14.25
N ARG C 132 13.83 -6.22 13.65
CA ARG C 132 14.43 -5.20 12.73
C ARG C 132 15.37 -4.27 13.49
N VAL C 133 15.02 -3.87 14.71
CA VAL C 133 15.86 -2.99 15.54
C VAL C 133 17.17 -3.67 15.91
N ARG C 134 17.11 -4.99 16.12
CA ARG C 134 18.26 -5.78 16.54
C ARG C 134 19.27 -6.00 15.44
N ARG C 135 18.78 -6.32 14.25
CA ARG C 135 19.64 -6.50 13.09
C ARG C 135 20.32 -5.19 12.71
N LYS C 136 19.55 -4.10 12.74
CA LYS C 136 20.07 -2.76 12.48
C LYS C 136 21.19 -2.42 13.46
N MSE C 137 20.93 -2.59 14.76
CA MSE C 137 21.96 -2.36 15.75
C MSE C 137 23.15 -3.25 15.55
O MSE C 137 24.28 -2.74 15.57
CB MSE C 137 21.46 -2.53 17.19
CG MSE C 137 22.27 -1.65 18.16
SE MSE C 137 21.90 0.26 17.90
CE MSE C 137 20.00 0.31 17.48
N ASP C 138 22.89 -4.55 15.32
CA ASP C 138 23.91 -5.57 15.04
C ASP C 138 24.80 -5.07 13.92
N PHE C 139 24.17 -4.64 12.82
CA PHE C 139 24.89 -4.16 11.65
C PHE C 139 25.84 -3.01 11.97
N LEU C 140 25.36 -2.02 12.73
CA LEU C 140 26.15 -0.86 13.06
C LEU C 140 27.34 -1.28 13.93
N VAL C 141 27.07 -2.21 14.85
CA VAL C 141 28.05 -2.57 15.87
C VAL C 141 29.15 -3.38 15.18
N ALA C 142 28.72 -4.29 14.30
CA ALA C 142 29.59 -5.04 13.38
C ALA C 142 30.38 -4.12 12.44
N SER C 143 29.85 -2.93 12.13
CA SER C 143 30.55 -1.99 11.24
C SER C 143 31.56 -1.10 11.96
N GLY C 144 31.86 -1.43 13.21
CA GLY C 144 32.76 -0.62 14.01
C GLY C 144 32.10 0.50 14.81
N VAL C 145 30.77 0.56 14.84
CA VAL C 145 30.11 1.59 15.66
C VAL C 145 29.90 1.11 17.12
N PRO C 146 30.50 1.83 18.09
CA PRO C 146 30.31 1.47 19.50
C PRO C 146 28.81 1.45 19.90
N GLU C 147 28.40 0.36 20.56
CA GLU C 147 26.99 0.02 20.80
C GLU C 147 26.22 1.18 21.45
N ARG C 148 26.70 1.70 22.57
CA ARG C 148 25.98 2.79 23.23
C ARG C 148 25.79 4.01 22.32
N HIS C 149 26.82 4.35 21.53
CA HIS C 149 26.75 5.47 20.61
C HIS C 149 25.77 5.24 19.46
N ALA C 150 25.75 4.02 18.95
CA ALA C 150 24.86 3.62 17.86
C ALA C 150 23.42 3.77 18.29
N GLN C 151 23.20 3.41 19.56
CA GLN C 151 21.89 3.37 20.21
C GLN C 151 21.34 4.78 20.37
N MSE C 152 22.17 5.60 21.00
CA MSE C 152 21.89 7.03 21.20
C MSE C 152 21.66 7.76 19.89
O MSE C 152 20.72 8.53 19.82
CB MSE C 152 22.98 7.71 22.04
CG MSE C 152 23.03 7.21 23.48
SE MSE C 152 21.35 7.33 24.49
CE MSE C 152 20.71 5.48 24.35
N ALA C 153 22.47 7.48 18.86
CA ALA C 153 22.32 8.09 17.52
C ALA C 153 21.01 7.71 16.84
N MSE C 154 20.65 6.43 16.90
CA MSE C 154 19.38 5.98 16.36
C MSE C 154 18.20 6.65 17.06
O MSE C 154 17.25 7.02 16.42
CB MSE C 154 19.24 4.47 16.49
CG MSE C 154 20.26 3.68 15.65
SE MSE C 154 19.74 3.68 13.79
CE MSE C 154 18.32 2.38 13.92
N LEU C 155 18.27 6.78 18.37
CA LEU C 155 17.24 7.45 19.14
C LEU C 155 17.19 8.95 18.76
N ALA C 156 18.33 9.63 18.72
CA ALA C 156 18.40 11.02 18.37
C ALA C 156 17.85 11.25 16.96
N ALA C 157 18.29 10.44 16.01
CA ALA C 157 17.86 10.59 14.62
C ALA C 157 16.33 10.44 14.50
N GLY C 158 15.77 9.44 15.18
CA GLY C 158 14.29 9.32 15.21
C GLY C 158 13.55 10.48 15.87
N ARG C 159 13.97 10.84 17.07
CA ARG C 159 13.35 12.03 17.72
C ARG C 159 13.47 13.33 16.93
N PHE C 160 14.67 13.58 16.40
CA PHE C 160 14.89 14.71 15.50
C PHE C 160 13.93 14.70 14.28
N THR C 161 13.79 13.52 13.69
CA THR C 161 12.91 13.35 12.52
C THR C 161 11.45 13.67 12.83
N VAL C 162 10.97 13.17 13.98
CA VAL C 162 9.61 13.42 14.39
C VAL C 162 9.38 14.93 14.52
N GLY C 163 10.34 15.60 15.17
CA GLY C 163 10.23 17.00 15.43
C GLY C 163 10.26 17.75 14.11
N CYS C 164 11.15 17.33 13.18
CA CYS C 164 11.21 17.96 11.85
C CYS C 164 9.91 17.83 11.10
N VAL C 165 9.37 16.60 11.02
CA VAL C 165 8.14 16.37 10.20
C VAL C 165 6.92 17.05 10.81
N LEU C 166 6.81 16.96 12.12
CA LEU C 166 5.82 17.67 12.85
C LEU C 166 5.79 19.14 12.33
N GLU C 167 6.92 19.85 12.42
CA GLU C 167 7.02 21.21 11.94
C GLU C 167 6.73 21.33 10.44
N GLU C 168 7.28 20.42 9.65
CA GLU C 168 7.03 20.48 8.23
C GLU C 168 5.55 20.30 7.86
N GLN C 169 4.86 19.40 8.56
CA GLN C 169 3.49 19.17 8.21
C GLN C 169 2.54 20.21 8.77
N ALA C 170 2.89 20.86 9.87
CA ALA C 170 2.08 22.00 10.32
C ALA C 170 2.23 23.17 9.32
N GLU C 171 3.44 23.28 8.75
CA GLU C 171 3.94 24.32 7.81
C GLU C 171 4.44 25.64 8.44
N ASP C 188 17.83 8.36 32.39
CA ASP C 188 17.27 7.59 31.27
C ASP C 188 16.72 8.37 30.05
N HIS C 189 15.52 8.96 30.13
CA HIS C 189 15.07 9.85 29.03
C HIS C 189 15.96 11.05 29.02
N GLU C 190 16.41 11.39 30.21
CA GLU C 190 17.24 12.50 30.43
C GLU C 190 18.56 12.29 29.75
N SER C 191 19.14 11.12 30.00
CA SER C 191 20.48 10.83 29.49
C SER C 191 20.50 10.57 27.98
N ALA C 192 19.38 10.05 27.43
CA ALA C 192 19.18 9.97 25.97
C ALA C 192 19.15 11.36 25.37
N PHE C 193 18.44 12.28 26.04
CA PHE C 193 18.44 13.67 25.61
C PHE C 193 19.88 14.22 25.63
N GLU C 194 20.61 14.01 26.71
CA GLU C 194 21.95 14.58 26.79
C GLU C 194 22.89 14.03 25.71
N ALA C 195 22.82 12.73 25.44
CA ALA C 195 23.63 12.11 24.41
C ALA C 195 23.29 12.56 22.99
N GLY C 196 22.00 12.66 22.66
CA GLY C 196 21.63 13.16 21.35
C GLY C 196 21.99 14.61 21.11
N LEU C 197 21.89 15.44 22.15
CA LEU C 197 22.30 16.84 22.11
C LEU C 197 23.81 16.90 21.93
N ALA C 198 24.57 16.04 22.58
CA ALA C 198 26.03 16.00 22.38
C ALA C 198 26.43 15.62 20.95
N LEU C 199 25.68 14.72 20.34
CA LEU C 199 25.88 14.32 18.97
C LEU C 199 25.79 15.50 18.06
N ILE C 200 24.69 16.28 18.22
CA ILE C 200 24.40 17.46 17.41
C ILE C 200 25.55 18.45 17.56
N THR C 201 25.93 18.68 18.81
CA THR C 201 26.87 19.73 19.12
C THR C 201 28.25 19.35 18.67
N ASP C 202 28.61 18.09 18.88
CA ASP C 202 29.85 17.55 18.38
C ASP C 202 29.93 17.55 16.86
N GLY C 203 28.85 17.16 16.19
CA GLY C 203 28.77 17.33 14.76
C GLY C 203 29.12 18.76 14.28
N LEU C 204 28.95 19.75 15.11
CA LEU C 204 29.08 21.14 14.65
C LEU C 204 30.55 21.66 14.67
N VAL C 205 31.33 21.09 15.60
CA VAL C 205 32.68 21.56 15.92
C VAL C 205 33.56 21.72 14.67
N ARG C 206 33.49 20.75 13.75
CA ARG C 206 34.18 20.85 12.48
C ARG C 206 33.95 22.12 11.65
N HIS C 207 32.81 22.80 11.84
CA HIS C 207 32.58 24.08 11.13
C HIS C 207 32.96 25.34 11.90
N VAL C 208 33.31 25.19 13.17
CA VAL C 208 33.70 26.33 13.99
C VAL C 208 35.11 26.84 13.61
N ASP C 209 35.18 28.15 13.43
CA ASP C 209 36.38 28.86 13.04
C ASP C 209 36.25 30.29 13.60
N ALA C 210 36.68 30.45 14.87
CA ALA C 210 36.75 31.74 15.54
C ALA C 210 37.76 32.77 14.93
N ARG C 211 37.23 33.88 14.42
CA ARG C 211 38.06 34.92 13.76
C ARG C 211 37.33 36.26 13.76
N ASN D 26 -10.19 38.63 34.07
CA ASN D 26 -8.78 38.97 33.65
C ASN D 26 -8.22 38.08 32.50
N ARG D 27 -7.02 38.37 31.96
CA ARG D 27 -6.48 37.48 30.89
C ARG D 27 -5.27 36.60 31.23
N GLU D 28 -4.22 37.17 31.82
CA GLU D 28 -3.13 36.36 32.38
C GLU D 28 -3.73 35.19 33.15
N THR D 29 -4.77 35.51 33.94
CA THR D 29 -5.33 34.63 34.96
C THR D 29 -6.18 33.52 34.37
N VAL D 30 -6.97 33.86 33.37
CA VAL D 30 -7.62 32.83 32.60
C VAL D 30 -6.58 31.80 32.14
N ILE D 31 -5.47 32.27 31.57
CA ILE D 31 -4.42 31.39 31.04
C ILE D 31 -3.67 30.64 32.15
N THR D 32 -3.32 31.33 33.24
CA THR D 32 -2.74 30.73 34.45
C THR D 32 -3.59 29.58 35.01
N GLU D 33 -4.90 29.83 35.06
CA GLU D 33 -5.90 28.86 35.50
C GLU D 33 -5.93 27.67 34.56
N ALA D 34 -5.88 27.99 33.27
CA ALA D 34 -5.89 27.05 32.15
C ALA D 34 -4.71 26.05 32.15
N LEU D 35 -3.53 26.59 32.47
CA LEU D 35 -2.27 25.79 32.56
C LEU D 35 -2.24 24.89 33.81
N ASP D 36 -2.73 25.39 34.96
CA ASP D 36 -3.00 24.50 36.16
C ASP D 36 -3.97 23.39 35.81
N LEU D 37 -5.01 23.73 35.06
CA LEU D 37 -5.97 22.76 34.58
C LEU D 37 -5.31 21.65 33.79
N LEU D 38 -4.36 22.03 32.93
CA LEU D 38 -3.56 21.11 32.11
C LEU D 38 -2.74 20.15 32.94
N ASP D 39 -1.97 20.67 33.90
CA ASP D 39 -1.30 19.88 34.94
C ASP D 39 -2.30 18.89 35.55
N GLU D 40 -3.46 19.37 36.05
CA GLU D 40 -4.48 18.49 36.68
C GLU D 40 -5.10 17.41 35.78
N VAL D 41 -5.48 17.76 34.56
CA VAL D 41 -6.24 16.82 33.68
C VAL D 41 -5.59 16.30 32.38
N GLY D 42 -4.44 16.86 31.99
CA GLY D 42 -3.88 16.56 30.64
C GLY D 42 -4.49 17.44 29.54
N LEU D 43 -3.85 17.49 28.36
CA LEU D 43 -4.30 18.37 27.24
C LEU D 43 -5.68 17.99 26.72
N ASP D 44 -5.97 16.70 26.70
CA ASP D 44 -7.32 16.25 26.32
C ASP D 44 -8.42 16.63 27.26
N GLY D 45 -8.10 16.93 28.52
CA GLY D 45 -9.13 17.43 29.43
C GLY D 45 -9.30 18.94 29.38
N VAL D 46 -8.46 19.64 28.62
CA VAL D 46 -8.55 21.09 28.52
C VAL D 46 -9.62 21.41 27.50
N SER D 47 -10.68 22.08 27.96
CA SER D 47 -11.78 22.45 27.09
C SER D 47 -12.31 23.79 27.57
N THR D 48 -13.00 24.49 26.70
CA THR D 48 -13.58 25.79 27.05
C THR D 48 -14.67 25.69 28.16
N ARG D 49 -15.44 24.60 28.12
CA ARG D 49 -16.49 24.31 29.13
C ARG D 49 -15.81 24.01 30.47
N ARG D 50 -14.91 23.01 30.47
CA ARG D 50 -14.17 22.71 31.71
C ARG D 50 -13.49 23.92 32.33
N LEU D 51 -12.89 24.76 31.51
CA LEU D 51 -12.25 25.98 32.00
C LEU D 51 -13.25 27.06 32.48
N ALA D 52 -14.42 27.11 31.83
CA ALA D 52 -15.53 27.98 32.30
C ALA D 52 -16.01 27.52 33.69
N LYS D 53 -16.29 26.21 33.82
CA LYS D 53 -16.58 25.59 35.13
C LYS D 53 -15.56 26.06 36.15
N ARG D 54 -14.30 25.67 35.95
CA ARG D 54 -13.20 26.03 36.82
C ARG D 54 -13.18 27.53 37.17
N LEU D 55 -13.40 28.38 36.17
CA LEU D 55 -13.39 29.82 36.40
C LEU D 55 -14.67 30.39 37.07
N GLY D 56 -15.69 29.54 37.26
CA GLY D 56 -16.93 29.92 37.96
C GLY D 56 -17.63 31.04 37.20
N VAL D 57 -17.90 30.75 35.93
CA VAL D 57 -18.10 31.78 34.93
C VAL D 57 -18.90 31.14 33.82
N GLU D 58 -19.82 31.93 33.25
CA GLU D 58 -20.62 31.53 32.10
C GLU D 58 -19.71 31.40 30.89
N GLN D 59 -19.86 30.30 30.16
CA GLN D 59 -19.02 30.04 28.99
C GLN D 59 -18.78 31.29 28.06
N PRO D 60 -19.84 32.07 27.76
CA PRO D 60 -19.70 33.43 27.17
C PRO D 60 -18.69 34.41 27.79
N SER D 61 -18.39 34.31 29.09
CA SER D 61 -17.48 35.27 29.77
C SER D 61 -16.01 34.98 29.46
N LEU D 62 -15.79 33.75 29.02
CA LEU D 62 -14.52 33.21 28.54
C LEU D 62 -14.34 33.46 27.03
N TYR D 63 -15.37 33.15 26.24
CA TYR D 63 -15.36 33.35 24.79
C TYR D 63 -15.06 34.79 24.40
N TRP D 64 -15.26 35.69 25.35
CA TRP D 64 -14.84 37.07 25.25
C TRP D 64 -13.31 37.17 25.07
N TYR D 65 -12.56 36.36 25.82
CA TYR D 65 -11.09 36.43 25.82
C TYR D 65 -10.42 35.65 24.69
N PHE D 66 -10.90 34.43 24.42
CA PHE D 66 -10.47 33.66 23.24
C PHE D 66 -11.71 33.12 22.58
N ARG D 67 -11.88 33.47 21.30
CA ARG D 67 -13.11 33.15 20.59
C ARG D 67 -13.16 31.70 20.13
N THR D 68 -12.01 31.05 20.13
CA THR D 68 -11.96 29.62 19.79
C THR D 68 -11.05 28.88 20.76
N LYS D 69 -11.21 27.56 20.82
CA LYS D 69 -10.24 26.73 21.53
C LYS D 69 -8.85 26.89 20.94
N ARG D 70 -8.78 27.10 19.62
CA ARG D 70 -7.49 27.19 18.95
C ARG D 70 -6.70 28.41 19.47
N ASP D 71 -7.37 29.52 19.70
CA ASP D 71 -6.75 30.71 20.29
C ASP D 71 -6.39 30.55 21.79
N LEU D 72 -7.12 29.70 22.50
CA LEU D 72 -6.86 29.48 23.91
C LEU D 72 -5.59 28.65 24.05
N LEU D 73 -5.44 27.63 23.19
CA LEU D 73 -4.26 26.76 23.15
C LEU D 73 -2.99 27.51 22.73
N THR D 74 -3.15 28.46 21.83
CA THR D 74 -2.09 29.37 21.40
C THR D 74 -1.58 30.21 22.56
N ALA D 75 -2.53 30.80 23.31
CA ALA D 75 -2.20 31.62 24.46
C ALA D 75 -1.52 30.84 25.61
N MSE D 76 -2.03 29.64 25.84
CA MSE D 76 -1.43 28.66 26.75
C MSE D 76 0.04 28.36 26.41
O MSE D 76 0.95 28.61 27.23
CB MSE D 76 -2.28 27.38 26.72
CG MSE D 76 -3.61 27.59 27.46
SE MSE D 76 -4.77 26.07 27.37
CE MSE D 76 -3.70 24.87 28.50
N ALA D 77 0.24 27.85 25.20
CA ALA D 77 1.55 27.47 24.66
C ALA D 77 2.57 28.62 24.74
N GLN D 78 2.11 29.84 24.44
CA GLN D 78 2.91 31.06 24.51
C GLN D 78 3.29 31.34 25.96
N ALA D 79 2.28 31.34 26.85
CA ALA D 79 2.52 31.65 28.25
C ALA D 79 3.40 30.62 28.90
N ALA D 80 3.30 29.38 28.44
CA ALA D 80 4.17 28.29 28.88
C ALA D 80 5.65 28.35 28.49
N MSE D 81 5.97 29.11 27.44
CA MSE D 81 7.36 29.32 27.06
C MSE D 81 8.05 30.47 27.82
O MSE D 81 9.28 30.56 27.77
CB MSE D 81 7.48 29.59 25.55
CG MSE D 81 7.41 28.34 24.60
SE MSE D 81 8.71 27.00 25.07
CE MSE D 81 7.43 25.76 25.71
N ALA D 82 7.28 31.33 28.49
CA ALA D 82 7.79 32.43 29.32
C ALA D 82 9.04 32.10 30.17
N PRO D 83 9.09 30.93 30.84
CA PRO D 83 10.34 30.66 31.61
C PRO D 83 11.59 30.65 30.71
N HIS D 84 11.52 29.96 29.58
CA HIS D 84 12.62 29.96 28.61
C HIS D 84 12.83 31.33 27.95
N ALA D 85 11.74 32.03 27.63
CA ALA D 85 11.87 33.34 26.99
C ALA D 85 12.61 34.36 27.88
N ALA D 86 12.71 34.09 29.16
CA ALA D 86 13.30 35.07 30.09
C ALA D 86 14.69 34.64 30.56
N GLU D 87 15.31 33.69 29.89
CA GLU D 87 16.71 33.34 30.27
C GLU D 87 17.64 34.53 30.02
N PRO D 88 18.64 34.73 30.92
CA PRO D 88 19.69 35.72 30.69
C PRO D 88 20.38 35.44 29.34
N LEU D 89 20.93 36.48 28.73
CA LEU D 89 21.72 36.40 27.53
C LEU D 89 23.00 35.60 27.78
N PRO D 90 23.58 35.04 26.70
CA PRO D 90 24.96 34.49 26.82
C PRO D 90 25.95 35.64 27.21
N GLU D 91 27.01 35.33 27.97
CA GLU D 91 28.10 36.29 28.23
C GLU D 91 29.03 36.42 27.00
N PRO D 92 29.29 37.65 26.46
CA PRO D 92 30.26 37.63 25.32
C PRO D 92 31.57 36.95 25.71
N GLY D 93 32.18 36.29 24.74
CA GLY D 93 33.38 35.48 25.04
C GLY D 93 33.21 34.20 25.86
N GLU D 94 32.05 33.94 26.48
CA GLU D 94 31.92 32.63 27.15
C GLU D 94 31.91 31.49 26.11
N ASP D 95 32.34 30.29 26.54
CA ASP D 95 32.44 29.15 25.68
C ASP D 95 31.09 28.79 25.05
N TRP D 96 31.00 28.88 23.71
CA TRP D 96 29.74 28.75 22.97
C TRP D 96 29.11 27.34 23.19
N HIS D 97 29.99 26.35 23.36
CA HIS D 97 29.58 24.97 23.40
C HIS D 97 28.71 24.81 24.61
N GLY D 98 29.25 25.19 25.78
CA GLY D 98 28.55 25.08 27.06
C GLY D 98 27.24 25.85 27.10
N TRP D 99 27.27 27.07 26.62
CA TRP D 99 26.06 27.85 26.47
C TRP D 99 24.99 27.15 25.61
N PHE D 100 25.42 26.53 24.54
CA PHE D 100 24.48 25.94 23.58
C PHE D 100 23.69 24.82 24.23
N LEU D 101 24.40 24.00 25.00
CA LEU D 101 23.80 22.94 25.81
C LEU D 101 22.84 23.53 26.84
N ARG D 102 23.29 24.56 27.55
N ARG D 102 23.30 24.57 27.52
CA ARG D 102 22.44 25.25 28.53
CA ARG D 102 22.50 25.23 28.51
C ARG D 102 21.16 25.78 27.89
C ARG D 102 21.20 25.86 27.94
N ASN D 103 21.28 26.49 26.77
CA ASN D 103 20.04 27.02 26.11
C ASN D 103 19.03 25.84 25.79
N THR D 104 19.55 24.70 25.32
CA THR D 104 18.65 23.61 24.93
C THR D 104 18.10 22.86 26.15
N ARG D 105 18.92 22.68 27.16
CA ARG D 105 18.40 22.14 28.43
C ARG D 105 17.29 23.03 28.98
N SER D 106 17.46 24.31 28.86
CA SER D 106 16.42 25.20 29.33
C SER D 106 15.11 25.07 28.49
N PHE D 107 15.23 24.92 27.16
CA PHE D 107 14.06 24.73 26.29
C PHE D 107 13.33 23.46 26.76
N ARG D 108 14.12 22.41 26.98
CA ARG D 108 13.55 21.15 27.41
C ARG D 108 12.85 21.26 28.78
N ARG D 109 13.50 21.89 29.79
CA ARG D 109 12.91 22.02 31.10
C ARG D 109 11.60 22.72 31.00
N THR D 110 11.56 23.84 30.28
CA THR D 110 10.30 24.56 30.07
C THR D 110 9.21 23.65 29.49
N LEU D 111 9.51 22.87 28.45
CA LEU D 111 8.52 21.95 27.86
C LEU D 111 7.93 21.03 28.93
N LEU D 112 8.83 20.42 29.70
CA LEU D 112 8.54 19.50 30.79
C LEU D 112 7.85 20.08 31.98
N ALA D 113 7.87 21.42 32.12
CA ALA D 113 7.24 22.08 33.30
C ALA D 113 5.71 21.91 33.42
N ARG D 114 5.02 21.64 32.31
CA ARG D 114 3.59 21.37 32.31
C ARG D 114 3.28 20.03 31.65
N ARG D 115 2.37 19.29 32.25
CA ARG D 115 2.01 17.99 31.71
C ARG D 115 1.63 18.27 30.25
N ASP D 116 1.96 17.35 29.33
CA ASP D 116 1.60 17.46 27.90
C ASP D 116 2.13 18.76 27.30
N GLY D 117 3.18 19.32 27.91
CA GLY D 117 3.77 20.58 27.45
C GLY D 117 4.42 20.56 26.06
N ALA D 118 5.09 19.47 25.69
CA ALA D 118 5.55 19.27 24.29
C ALA D 118 4.37 19.19 23.29
N ARG D 119 3.29 18.44 23.62
CA ARG D 119 2.09 18.39 22.76
C ARG D 119 1.47 19.75 22.62
N LEU D 120 1.37 20.49 23.73
CA LEU D 120 0.85 21.84 23.71
C LEU D 120 1.72 22.81 22.83
N HIS D 121 3.03 22.68 22.94
CA HIS D 121 3.95 23.35 22.07
C HIS D 121 3.75 23.04 20.58
N ALA D 122 3.74 21.74 20.22
CA ALA D 122 3.60 21.25 18.83
C ALA D 122 2.27 21.67 18.23
N GLY D 123 1.19 21.53 18.97
CA GLY D 123 -0.13 21.79 18.45
C GLY D 123 -0.48 23.25 18.19
N SER D 124 0.28 24.18 18.76
CA SER D 124 0.01 25.60 18.57
C SER D 124 1.12 26.36 17.85
N ARG D 125 2.28 25.71 17.74
CA ARG D 125 3.51 26.36 17.20
C ARG D 125 3.68 27.82 17.67
N PRO D 126 3.82 28.05 19.00
CA PRO D 126 4.10 29.45 19.37
C PRO D 126 5.39 30.02 18.72
N THR D 127 5.35 31.32 18.40
CA THR D 127 6.52 32.06 17.86
C THR D 127 7.42 32.56 19.01
N ALA D 128 8.69 32.10 19.03
CA ALA D 128 9.70 32.70 19.91
C ALA D 128 9.99 34.12 19.39
N ASP D 129 10.32 35.04 20.30
CA ASP D 129 10.60 36.40 19.86
C ASP D 129 11.75 36.38 18.86
N LEU D 130 11.47 36.85 17.65
CA LEU D 130 12.40 36.87 16.52
C LEU D 130 13.73 37.57 16.83
N ASP D 131 13.63 38.75 17.45
CA ASP D 131 14.79 39.50 17.90
C ASP D 131 15.60 38.76 18.99
N ARG D 132 14.92 38.06 19.91
CA ARG D 132 15.62 37.33 20.93
C ARG D 132 16.44 36.19 20.30
N VAL D 133 15.84 35.44 19.37
CA VAL D 133 16.56 34.35 18.64
C VAL D 133 17.74 34.95 17.84
N ARG D 134 17.51 36.11 17.24
CA ARG D 134 18.57 36.80 16.50
C ARG D 134 19.77 37.08 17.37
N ARG D 135 19.53 37.41 18.64
CA ARG D 135 20.63 37.78 19.55
C ARG D 135 21.46 36.55 19.94
N LYS D 136 20.81 35.40 20.06
CA LYS D 136 21.50 34.15 20.39
C LYS D 136 22.34 33.69 19.20
N MSE D 137 21.78 33.92 18.00
CA MSE D 137 22.44 33.68 16.73
C MSE D 137 23.69 34.56 16.63
O MSE D 137 24.81 34.07 16.35
CB MSE D 137 21.45 33.94 15.59
CG MSE D 137 21.54 32.99 14.47
SE MSE D 137 21.16 31.09 14.96
CE MSE D 137 19.21 31.14 14.94
N ASP D 138 23.54 35.85 16.94
CA ASP D 138 24.71 36.74 16.93
C ASP D 138 25.83 36.24 17.84
N PHE D 139 25.50 35.75 19.06
CA PHE D 139 26.50 35.21 19.97
C PHE D 139 27.23 34.03 19.35
N LEU D 140 26.50 33.03 18.86
CA LEU D 140 27.15 31.89 18.24
C LEU D 140 28.10 32.31 17.10
N VAL D 141 27.63 33.16 16.19
CA VAL D 141 28.46 33.61 15.06
C VAL D 141 29.68 34.35 15.55
N ALA D 142 29.52 35.26 16.50
CA ALA D 142 30.65 35.97 17.10
C ALA D 142 31.61 34.97 17.71
N SER D 143 31.09 33.80 18.11
CA SER D 143 31.95 32.77 18.76
C SER D 143 32.58 31.86 17.68
N GLY D 144 32.24 32.09 16.41
CA GLY D 144 32.93 31.37 15.35
C GLY D 144 32.11 30.27 14.69
N VAL D 145 30.81 30.21 15.01
CA VAL D 145 29.90 29.32 14.34
C VAL D 145 29.30 30.10 13.15
N PRO D 146 29.66 29.71 11.89
CA PRO D 146 29.05 30.36 10.78
C PRO D 146 27.54 30.37 10.84
N GLU D 147 27.02 31.46 10.34
CA GLU D 147 25.64 31.77 10.37
C GLU D 147 24.75 30.57 10.04
N ARG D 148 25.05 29.91 8.94
CA ARG D 148 24.23 28.79 8.44
C ARG D 148 24.26 27.62 9.39
N HIS D 149 25.42 27.28 9.93
CA HIS D 149 25.52 26.15 10.83
C HIS D 149 24.88 26.48 12.17
N ALA D 150 24.98 27.76 12.57
CA ALA D 150 24.30 28.26 13.75
C ALA D 150 22.79 28.15 13.59
N GLN D 151 22.25 28.54 12.43
CA GLN D 151 20.81 28.42 12.19
C GLN D 151 20.40 26.95 12.20
N MSE D 152 21.19 26.11 11.51
CA MSE D 152 20.83 24.71 11.33
C MSE D 152 20.94 23.94 12.63
O MSE D 152 20.08 23.11 12.90
CB MSE D 152 21.63 24.05 10.20
CG MSE D 152 21.25 24.53 8.77
SE MSE D 152 19.34 24.40 8.43
CE MSE D 152 18.73 26.24 8.83
N ALA D 153 21.99 24.24 13.42
CA ALA D 153 22.23 23.60 14.71
C ALA D 153 21.16 23.98 15.74
N MSE D 154 20.72 25.24 15.77
CA MSE D 154 19.66 25.66 16.70
C MSE D 154 18.36 24.97 16.27
O MSE D 154 17.64 24.45 17.08
CB MSE D 154 19.55 27.18 16.71
CG MSE D 154 20.79 27.85 17.38
SE MSE D 154 20.65 27.84 19.36
CE MSE D 154 19.47 29.42 19.38
N LEU D 155 18.10 24.96 14.97
CA LEU D 155 16.89 24.27 14.47
C LEU D 155 16.92 22.78 14.89
N ALA D 156 18.02 22.11 14.63
CA ALA D 156 18.10 20.71 14.89
C ALA D 156 17.86 20.48 16.36
N ALA D 157 18.52 21.27 17.18
CA ALA D 157 18.37 21.05 18.66
C ALA D 157 16.95 21.27 19.15
N GLY D 158 16.24 22.32 18.68
CA GLY D 158 14.83 22.49 19.05
C GLY D 158 13.92 21.35 18.62
N ARG D 159 14.08 20.88 17.39
CA ARG D 159 13.31 19.72 16.88
C ARG D 159 13.60 18.38 17.58
N PHE D 160 14.86 18.10 17.82
CA PHE D 160 15.28 16.97 18.62
C PHE D 160 14.63 16.96 20.00
N THR D 161 14.72 18.12 20.67
CA THR D 161 14.08 18.34 21.93
C THR D 161 12.56 18.13 21.92
N VAL D 162 11.85 18.74 20.99
CA VAL D 162 10.42 18.54 20.94
C VAL D 162 10.14 17.04 20.86
N GLY D 163 10.98 16.32 20.09
CA GLY D 163 10.78 14.91 19.85
C GLY D 163 10.97 14.13 21.13
N CYS D 164 12.09 14.43 21.80
CA CYS D 164 12.46 13.82 23.07
C CYS D 164 11.37 13.95 24.11
N VAL D 165 10.81 15.15 24.20
CA VAL D 165 9.93 15.49 25.31
C VAL D 165 8.53 14.90 25.08
N LEU D 166 8.01 14.97 23.86
CA LEU D 166 6.86 14.18 23.39
C LEU D 166 6.92 12.66 23.84
N GLU D 167 8.00 11.98 23.48
CA GLU D 167 8.18 10.62 23.99
C GLU D 167 8.18 10.52 25.50
N GLU D 168 8.96 11.39 26.15
CA GLU D 168 9.08 11.35 27.59
C GLU D 168 7.75 11.53 28.29
N GLN D 169 7.00 12.56 27.90
CA GLN D 169 5.69 12.79 28.47
C GLN D 169 4.58 11.76 28.05
N ALA D 170 4.79 11.02 26.96
CA ALA D 170 3.89 9.90 26.60
C ALA D 170 4.13 8.72 27.55
N GLU D 171 5.40 8.45 27.89
CA GLU D 171 5.92 7.78 29.11
C GLU D 171 7.04 6.78 28.83
N ILE D 187 10.38 28.52 4.21
CA ILE D 187 11.19 27.46 4.82
C ILE D 187 11.41 26.30 3.85
N ASP D 188 12.67 25.88 3.68
CA ASP D 188 12.99 24.63 3.00
C ASP D 188 13.31 23.53 4.03
N HIS D 189 12.30 22.70 4.29
CA HIS D 189 12.27 21.74 5.39
C HIS D 189 13.19 20.57 5.16
N GLU D 190 13.22 20.15 3.91
CA GLU D 190 14.17 19.17 3.45
C GLU D 190 15.62 19.53 3.73
N SER D 191 16.05 20.77 3.43
CA SER D 191 17.47 21.10 3.68
C SER D 191 17.75 21.23 5.18
N ALA D 192 16.76 21.68 5.96
CA ALA D 192 16.90 21.71 7.44
C ALA D 192 17.09 20.27 8.01
N PHE D 193 16.27 19.34 7.52
CA PHE D 193 16.37 17.96 7.94
C PHE D 193 17.75 17.38 7.62
N GLU D 194 18.18 17.54 6.38
CA GLU D 194 19.44 17.03 5.93
C GLU D 194 20.59 17.60 6.75
N ALA D 195 20.56 18.91 6.98
CA ALA D 195 21.60 19.59 7.81
C ALA D 195 21.70 19.03 9.22
N GLY D 196 20.54 18.90 9.85
CA GLY D 196 20.47 18.36 11.17
C GLY D 196 20.96 16.92 11.25
N LEU D 197 20.63 16.12 10.24
CA LEU D 197 20.95 14.70 10.31
C LEU D 197 22.46 14.52 10.10
N ALA D 198 23.00 15.36 9.24
CA ALA D 198 24.43 15.51 9.04
C ALA D 198 25.16 15.82 10.34
N LEU D 199 24.65 16.80 11.10
CA LEU D 199 25.23 17.10 12.42
C LEU D 199 25.25 15.87 13.31
N ILE D 200 24.07 15.25 13.50
CA ILE D 200 23.96 14.01 14.31
C ILE D 200 24.96 12.93 13.88
N THR D 201 24.95 12.60 12.58
CA THR D 201 25.76 11.53 12.02
C THR D 201 27.27 11.82 12.08
N ASP D 202 27.68 13.05 11.74
CA ASP D 202 29.03 13.47 11.91
C ASP D 202 29.45 13.41 13.36
N GLY D 203 28.52 13.73 14.24
CA GLY D 203 28.75 13.62 15.69
C GLY D 203 28.99 12.17 16.07
N LEU D 204 28.26 11.25 15.45
CA LEU D 204 28.49 9.80 15.66
C LEU D 204 29.79 9.28 15.03
N VAL D 205 30.09 9.68 13.80
CA VAL D 205 31.34 9.26 13.12
C VAL D 205 32.59 9.46 13.99
N ARG D 206 32.66 10.62 14.66
CA ARG D 206 33.76 10.92 15.60
C ARG D 206 34.02 9.81 16.62
N HIS D 207 33.00 8.98 16.86
CA HIS D 207 33.04 7.89 17.86
C HIS D 207 33.49 6.57 17.30
N VAL D 208 33.32 6.40 15.99
CA VAL D 208 33.75 5.22 15.31
C VAL D 208 35.23 5.43 15.12
N ASP D 209 35.54 6.63 14.65
CA ASP D 209 36.86 7.08 14.18
C ASP D 209 38.09 6.91 15.10
C1 PEG E . -15.30 -38.31 -5.22
O1 PEG E . -15.29 -39.39 -6.17
C2 PEG E . -15.23 -36.91 -5.89
O2 PEG E . -14.29 -36.00 -5.24
C3 PEG E . -14.79 -35.11 -4.22
C4 PEG E . -16.14 -34.49 -4.61
O4 PEG E . -16.20 -33.07 -4.58
#